data_3VBA
#
_entry.id   3VBA
#
_cell.length_a   33.836
_cell.length_b   107.138
_cell.length_c   288.714
_cell.angle_alpha   90.000
_cell.angle_beta   90.000
_cell.angle_gamma   90.000
#
_symmetry.space_group_name_H-M   'P 21 21 21'
#
loop_
_entity.id
_entity.type
_entity.pdbx_description
1 polymer 'Isopropylmalate/citramalate isomerase small subunit'
2 water water
#
_entity_poly.entity_id   1
_entity_poly.type   'polypeptide(L)'
_entity_poly.pdbx_seq_one_letter_code
;MRSIIKGRVWKFGNNVDTDAILPARYLVYTKPEELAQFVMTGADPDFPKKVKPGDIIVGGKNFGCGSSREHAPLGLKGAG
ISCVIAESFARIFYRNAINVGLPLIECKGISEKVNEGDELEVNLETGEIKNLTTGEVLKGQKLPEFMMEILEAGGLMPYL
KKKMAESQLEHHHHHH
;
_entity_poly.pdbx_strand_id   A,B,C,D,E,F
#
# COMPACT_ATOMS: atom_id res chain seq x y z
N MET A 1 8.43 -8.47 20.48
CA MET A 1 9.69 -8.32 19.76
C MET A 1 10.82 -8.45 20.74
N ARG A 2 11.44 -9.62 20.81
CA ARG A 2 12.55 -9.66 21.73
C ARG A 2 13.80 -8.92 21.20
N SER A 3 14.13 -7.84 21.89
CA SER A 3 15.31 -7.02 21.59
C SER A 3 16.57 -7.83 21.72
N ILE A 4 16.61 -8.65 22.77
CA ILE A 4 17.74 -9.50 23.07
C ILE A 4 17.44 -10.95 22.70
N ILE A 5 18.32 -11.53 21.90
CA ILE A 5 18.11 -12.87 21.39
C ILE A 5 19.24 -13.81 21.85
N LYS A 6 18.85 -14.96 22.39
CA LYS A 6 19.78 -16.01 22.81
C LYS A 6 19.46 -17.28 22.03
N GLY A 7 20.47 -17.89 21.40
CA GLY A 7 20.21 -19.08 20.62
C GLY A 7 21.49 -19.80 20.25
N ARG A 8 21.37 -21.05 19.84
CA ARG A 8 22.55 -21.77 19.39
C ARG A 8 22.80 -21.55 17.89
N VAL A 9 24.07 -21.57 17.52
CA VAL A 9 24.48 -21.12 16.19
C VAL A 9 24.67 -22.24 15.19
N TRP A 10 24.13 -22.04 13.99
CA TRP A 10 24.50 -22.81 12.80
C TRP A 10 25.38 -21.93 11.92
N LYS A 11 26.53 -22.45 11.50
CA LYS A 11 27.51 -21.63 10.84
C LYS A 11 27.66 -21.94 9.35
N PHE A 12 27.75 -20.89 8.54
CA PHE A 12 27.98 -21.03 7.10
C PHE A 12 29.06 -20.02 6.68
N GLY A 13 29.66 -20.26 5.52
CA GLY A 13 30.85 -19.52 5.12
C GLY A 13 30.59 -18.30 4.25
N ASN A 14 31.49 -18.05 3.30
CA ASN A 14 31.44 -16.85 2.47
C ASN A 14 30.62 -17.03 1.18
N ASN A 15 30.02 -15.94 0.70
CA ASN A 15 29.27 -15.96 -0.57
C ASN A 15 28.21 -17.06 -0.64
N VAL A 16 27.49 -17.25 0.47
CA VAL A 16 26.42 -18.25 0.52
C VAL A 16 25.27 -17.67 -0.26
N ASP A 17 24.94 -18.27 -1.40
CA ASP A 17 23.98 -17.64 -2.30
C ASP A 17 22.54 -18.08 -2.03
N THR A 18 21.59 -17.43 -2.71
CA THR A 18 20.18 -17.73 -2.51
C THR A 18 19.82 -19.17 -2.88
N ASP A 19 20.60 -19.78 -3.77
CA ASP A 19 20.42 -21.21 -4.09
C ASP A 19 20.81 -22.11 -2.91
N ALA A 20 21.81 -21.70 -2.14
CA ALA A 20 22.20 -22.47 -0.97
C ALA A 20 21.12 -22.38 0.09
N ILE A 21 20.55 -21.18 0.24
CA ILE A 21 19.55 -20.89 1.26
C ILE A 21 18.15 -21.48 0.94
N LEU A 22 17.75 -21.41 -0.33
CA LEU A 22 16.45 -21.96 -0.73
C LEU A 22 16.54 -22.36 -2.21
N PRO A 23 16.87 -23.63 -2.48
CA PRO A 23 17.04 -24.12 -3.85
C PRO A 23 15.86 -23.79 -4.77
N ALA A 24 16.21 -23.55 -6.03
CA ALA A 24 15.27 -23.13 -7.06
C ALA A 24 14.07 -24.08 -7.16
N ARG A 25 14.28 -25.35 -6.87
CA ARG A 25 13.19 -26.33 -7.01
C ARG A 25 12.03 -26.06 -6.05
N TYR A 26 12.25 -25.23 -5.02
CA TYR A 26 11.22 -24.93 -4.05
C TYR A 26 10.49 -23.61 -4.29
N LEU A 27 10.82 -22.95 -5.40
CA LEU A 27 10.15 -21.69 -5.72
C LEU A 27 8.65 -21.92 -5.95
N VAL A 28 8.26 -23.16 -6.23
CA VAL A 28 6.85 -23.51 -6.37
C VAL A 28 6.05 -23.17 -5.10
N TYR A 29 6.75 -23.12 -3.95
CA TYR A 29 6.11 -22.79 -2.69
C TYR A 29 6.18 -21.31 -2.34
N THR A 30 5.07 -20.74 -1.89
CA THR A 30 5.03 -19.33 -1.49
C THR A 30 4.72 -19.10 0.00
N LYS A 31 4.40 -20.16 0.73
CA LYS A 31 4.11 -19.99 2.15
C LYS A 31 5.35 -20.17 3.03
N PRO A 32 5.52 -19.32 4.08
CA PRO A 32 6.66 -19.52 4.96
C PRO A 32 6.66 -20.92 5.58
N GLU A 33 5.49 -21.46 5.93
CA GLU A 33 5.42 -22.79 6.52
C GLU A 33 5.93 -23.87 5.57
N GLU A 34 5.66 -23.70 4.28
CA GLU A 34 6.18 -24.65 3.32
C GLU A 34 7.68 -24.45 3.15
N LEU A 35 8.08 -23.19 2.98
CA LEU A 35 9.46 -22.88 2.67
C LEU A 35 10.39 -23.25 3.83
N ALA A 36 9.88 -23.18 5.06
CA ALA A 36 10.68 -23.51 6.26
C ALA A 36 11.31 -24.91 6.18
N GLN A 37 10.68 -25.81 5.45
CA GLN A 37 11.11 -27.21 5.39
C GLN A 37 12.35 -27.39 4.55
N PHE A 38 12.76 -26.35 3.83
CA PHE A 38 13.84 -26.52 2.87
C PHE A 38 15.00 -25.56 3.07
N VAL A 39 14.98 -24.80 4.15
CA VAL A 39 16.05 -23.85 4.43
C VAL A 39 17.46 -24.46 4.42
N MET A 40 18.38 -23.77 3.73
CA MET A 40 19.81 -24.10 3.66
C MET A 40 20.13 -25.45 3.01
N THR A 41 19.13 -26.07 2.37
CA THR A 41 19.35 -27.42 1.83
C THR A 41 20.29 -27.44 0.64
N GLY A 42 20.54 -26.27 0.05
CA GLY A 42 21.52 -26.17 -1.01
C GLY A 42 22.92 -26.34 -0.43
N ALA A 43 23.08 -25.92 0.82
CA ALA A 43 24.38 -26.01 1.49
C ALA A 43 24.47 -27.30 2.28
N ASP A 44 23.36 -27.68 2.91
CA ASP A 44 23.30 -28.86 3.77
C ASP A 44 21.92 -29.49 3.67
N PRO A 45 21.80 -30.57 2.90
CA PRO A 45 20.50 -31.20 2.63
C PRO A 45 19.80 -31.71 3.89
N ASP A 46 20.54 -31.88 4.97
CA ASP A 46 19.95 -32.32 6.23
C ASP A 46 19.61 -31.18 7.19
N PHE A 47 19.94 -29.95 6.80
CA PHE A 47 19.78 -28.81 7.71
C PHE A 47 18.40 -28.71 8.39
N PRO A 48 17.31 -28.89 7.62
CA PRO A 48 16.00 -28.81 8.27
C PRO A 48 15.79 -29.88 9.35
N LYS A 49 16.62 -30.92 9.34
CA LYS A 49 16.53 -31.98 10.34
C LYS A 49 17.25 -31.59 11.64
N LYS A 50 18.11 -30.57 11.56
CA LYS A 50 18.96 -30.17 12.67
C LYS A 50 18.47 -28.88 13.34
N VAL A 51 18.01 -27.94 12.52
CA VAL A 51 17.67 -26.60 13.01
C VAL A 51 16.40 -26.64 13.85
N LYS A 52 16.33 -25.80 14.88
CA LYS A 52 15.14 -25.70 15.71
C LYS A 52 14.71 -24.24 15.73
N PRO A 53 13.40 -23.98 15.89
CA PRO A 53 12.99 -22.56 16.01
C PRO A 53 13.75 -21.87 17.12
N GLY A 54 14.20 -20.65 16.87
CA GLY A 54 14.98 -19.91 17.85
C GLY A 54 16.49 -19.92 17.59
N ASP A 55 16.95 -20.89 16.79
CA ASP A 55 18.37 -20.97 16.48
C ASP A 55 18.84 -19.75 15.70
N ILE A 56 20.13 -19.50 15.73
CA ILE A 56 20.74 -18.39 15.04
C ILE A 56 21.59 -18.91 13.90
N ILE A 57 21.60 -18.20 12.78
CA ILE A 57 22.53 -18.52 11.72
C ILE A 57 23.64 -17.48 11.73
N VAL A 58 24.88 -17.94 11.60
CA VAL A 58 26.01 -17.04 11.44
C VAL A 58 26.62 -17.28 10.07
N GLY A 59 26.88 -16.21 9.33
CA GLY A 59 27.46 -16.35 8.00
C GLY A 59 28.67 -15.48 7.79
N GLY A 60 29.44 -15.79 6.74
CA GLY A 60 30.60 -14.99 6.38
C GLY A 60 30.22 -13.75 5.59
N LYS A 61 31.07 -13.39 4.64
CA LYS A 61 30.85 -12.22 3.81
C LYS A 61 29.78 -12.48 2.75
N ASN A 62 29.00 -11.45 2.43
CA ASN A 62 28.15 -11.48 1.26
C ASN A 62 27.08 -12.58 1.38
N PHE A 63 26.55 -12.75 2.58
CA PHE A 63 25.52 -13.76 2.80
C PHE A 63 24.25 -13.40 2.03
N GLY A 64 23.72 -14.39 1.30
CA GLY A 64 22.49 -14.19 0.54
C GLY A 64 22.68 -13.60 -0.84
N CYS A 65 23.90 -13.66 -1.35
CA CYS A 65 24.20 -13.11 -2.69
C CYS A 65 23.45 -13.84 -3.81
N GLY A 66 23.28 -13.14 -4.93
CA GLY A 66 22.48 -13.66 -6.04
C GLY A 66 21.28 -12.77 -6.33
N SER A 67 20.55 -13.08 -7.39
CA SER A 67 19.40 -12.27 -7.78
C SER A 67 18.32 -12.35 -6.72
N SER A 68 17.37 -11.43 -6.77
CA SER A 68 16.29 -11.44 -5.82
C SER A 68 15.68 -12.83 -5.70
N ARG A 69 15.53 -13.26 -4.45
CA ARG A 69 14.71 -14.44 -4.14
C ARG A 69 14.08 -14.24 -2.77
N GLU A 70 12.89 -13.65 -2.74
CA GLU A 70 12.19 -13.41 -1.47
C GLU A 70 11.94 -14.71 -0.71
N HIS A 71 11.85 -15.83 -1.42
CA HIS A 71 11.56 -17.09 -0.74
C HIS A 71 12.64 -17.41 0.26
N ALA A 72 13.85 -16.91 0.02
CA ALA A 72 15.00 -17.27 0.82
C ALA A 72 14.84 -16.76 2.26
N PRO A 73 14.72 -15.44 2.45
CA PRO A 73 14.48 -15.00 3.83
C PRO A 73 13.12 -15.44 4.36
N LEU A 74 12.13 -15.60 3.49
CA LEU A 74 10.80 -16.01 3.96
C LEU A 74 10.86 -17.41 4.58
N GLY A 75 11.63 -18.28 3.95
CA GLY A 75 11.90 -19.60 4.50
C GLY A 75 12.60 -19.60 5.86
N LEU A 76 13.71 -18.86 5.98
CA LEU A 76 14.39 -18.70 7.26
C LEU A 76 13.42 -18.22 8.35
N LYS A 77 12.68 -17.17 8.04
CA LYS A 77 11.64 -16.69 8.94
C LYS A 77 10.71 -17.85 9.33
N GLY A 78 10.12 -18.50 8.32
CA GLY A 78 9.20 -19.59 8.55
C GLY A 78 9.78 -20.72 9.40
N ALA A 79 11.08 -20.96 9.27
CA ALA A 79 11.75 -21.99 10.08
C ALA A 79 12.00 -21.55 11.53
N GLY A 80 11.72 -20.28 11.83
CA GLY A 80 11.91 -19.79 13.18
C GLY A 80 13.33 -19.34 13.51
N ILE A 81 14.15 -19.11 12.49
CA ILE A 81 15.47 -18.51 12.69
C ILE A 81 15.27 -17.15 13.39
N SER A 82 15.91 -16.97 14.55
CA SER A 82 15.70 -15.78 15.36
C SER A 82 16.42 -14.57 14.80
N CYS A 83 17.59 -14.80 14.19
CA CYS A 83 18.31 -13.77 13.46
C CYS A 83 19.47 -14.37 12.69
N VAL A 84 19.97 -13.60 11.74
CA VAL A 84 21.17 -13.98 11.02
C VAL A 84 22.23 -12.92 11.33
N ILE A 85 23.41 -13.36 11.72
CA ILE A 85 24.53 -12.47 11.93
C ILE A 85 25.59 -12.85 10.91
N ALA A 86 26.05 -11.89 10.12
CA ALA A 86 27.09 -12.17 9.13
C ALA A 86 28.14 -11.06 9.06
N GLU A 87 29.30 -11.37 8.50
CA GLU A 87 30.29 -10.35 8.20
C GLU A 87 29.65 -9.26 7.34
N SER A 88 28.92 -9.67 6.32
CA SER A 88 28.12 -8.76 5.49
C SER A 88 27.03 -9.51 4.73
N PHE A 89 26.03 -8.75 4.29
CA PHE A 89 24.89 -9.26 3.53
C PHE A 89 24.80 -8.70 2.11
N ALA A 90 24.45 -9.54 1.14
CA ALA A 90 24.05 -9.03 -0.17
C ALA A 90 22.91 -8.06 0.04
N ARG A 91 22.84 -7.03 -0.80
CA ARG A 91 21.90 -5.95 -0.61
C ARG A 91 20.43 -6.36 -0.79
N ILE A 92 20.14 -7.19 -1.79
CA ILE A 92 18.76 -7.56 -2.06
C ILE A 92 18.25 -8.49 -0.96
N PHE A 93 19.06 -9.48 -0.62
CA PHE A 93 18.71 -10.36 0.48
C PHE A 93 18.43 -9.56 1.74
N TYR A 94 19.26 -8.54 1.97
CA TYR A 94 19.17 -7.77 3.21
C TYR A 94 17.80 -7.07 3.32
N ARG A 95 17.42 -6.34 2.29
CA ARG A 95 16.17 -5.61 2.35
C ARG A 95 14.97 -6.58 2.38
N ASN A 96 15.02 -7.63 1.56
CA ASN A 96 13.97 -8.65 1.58
C ASN A 96 13.75 -9.22 2.98
N ALA A 97 14.86 -9.47 3.69
CA ALA A 97 14.83 -10.05 5.03
C ALA A 97 14.23 -9.11 6.08
N ILE A 98 14.69 -7.87 6.10
CA ILE A 98 14.13 -6.93 7.04
C ILE A 98 12.63 -6.76 6.77
N ASN A 99 12.25 -6.74 5.49
CA ASN A 99 10.85 -6.52 5.13
C ASN A 99 9.91 -7.71 5.37
N VAL A 100 10.45 -8.90 5.62
CA VAL A 100 9.63 -10.03 6.06
C VAL A 100 9.72 -10.22 7.57
N GLY A 101 10.47 -9.35 8.24
CA GLY A 101 10.53 -9.37 9.68
C GLY A 101 11.62 -10.27 10.26
N LEU A 102 12.60 -10.61 9.45
CA LEU A 102 13.74 -11.42 9.89
C LEU A 102 14.89 -10.51 10.31
N PRO A 103 15.22 -10.47 11.62
CA PRO A 103 16.28 -9.56 12.06
C PRO A 103 17.65 -9.95 11.50
N LEU A 104 18.40 -8.98 10.97
CA LEU A 104 19.76 -9.21 10.52
C LEU A 104 20.73 -8.30 11.26
N ILE A 105 21.94 -8.79 11.50
CA ILE A 105 22.99 -7.97 12.11
C ILE A 105 24.30 -8.20 11.40
N GLU A 106 24.92 -7.10 10.98
CA GLU A 106 26.28 -7.14 10.43
C GLU A 106 27.29 -7.04 11.57
N CYS A 107 28.27 -7.95 11.57
CA CYS A 107 29.32 -7.93 12.57
C CYS A 107 30.65 -8.39 11.98
N LYS A 108 31.52 -7.44 11.67
CA LYS A 108 32.86 -7.79 11.19
C LYS A 108 33.60 -8.64 12.23
N GLY A 109 34.26 -9.69 11.77
CA GLY A 109 34.99 -10.57 12.66
C GLY A 109 34.15 -11.66 13.32
N ILE A 110 32.85 -11.67 13.06
CA ILE A 110 31.98 -12.70 13.67
C ILE A 110 32.46 -14.11 13.34
N SER A 111 32.94 -14.30 12.11
CA SER A 111 33.42 -15.61 11.66
C SER A 111 34.55 -16.18 12.50
N GLU A 112 35.39 -15.30 13.03
CA GLU A 112 36.55 -15.69 13.83
C GLU A 112 36.22 -16.03 15.28
N LYS A 113 35.08 -15.54 15.75
CA LYS A 113 34.79 -15.54 17.17
C LYS A 113 33.58 -16.41 17.54
N VAL A 114 33.00 -17.09 16.57
CA VAL A 114 31.88 -17.97 16.87
C VAL A 114 32.01 -19.28 16.14
N ASN A 115 31.75 -20.37 16.84
CA ASN A 115 31.78 -21.72 16.27
C ASN A 115 30.37 -22.25 16.14
N GLU A 116 30.14 -23.13 15.16
CA GLU A 116 28.85 -23.80 15.10
C GLU A 116 28.61 -24.54 16.41
N GLY A 117 27.41 -24.40 16.95
CA GLY A 117 27.06 -25.01 18.22
C GLY A 117 27.23 -24.06 19.41
N ASP A 118 27.97 -22.98 19.26
CA ASP A 118 28.14 -22.04 20.37
C ASP A 118 26.80 -21.36 20.68
N GLU A 119 26.61 -20.94 21.94
CA GLU A 119 25.43 -20.17 22.30
C GLU A 119 25.74 -18.68 22.29
N LEU A 120 24.91 -17.91 21.55
CA LEU A 120 25.07 -16.47 21.45
C LEU A 120 23.97 -15.70 22.15
N GLU A 121 24.32 -14.53 22.67
CA GLU A 121 23.35 -13.52 23.08
C GLU A 121 23.55 -12.30 22.19
N VAL A 122 22.48 -11.87 21.54
CA VAL A 122 22.56 -10.74 20.62
C VAL A 122 21.57 -9.64 21.01
N ASN A 123 22.10 -8.44 21.28
CA ASN A 123 21.27 -7.27 21.54
C ASN A 123 21.07 -6.48 20.24
N LEU A 124 19.89 -6.65 19.65
CA LEU A 124 19.57 -6.03 18.36
C LEU A 124 19.71 -4.51 18.39
N GLU A 125 19.34 -3.90 19.52
CA GLU A 125 19.31 -2.44 19.59
C GLU A 125 20.70 -1.79 19.69
N THR A 126 21.69 -2.56 20.12
CA THR A 126 23.02 -2.00 20.34
C THR A 126 24.09 -2.66 19.48
N GLY A 127 23.80 -3.86 18.98
CA GLY A 127 24.75 -4.61 18.18
C GLY A 127 25.75 -5.38 19.01
N GLU A 128 25.59 -5.38 20.33
CA GLU A 128 26.51 -6.11 21.18
C GLU A 128 26.26 -7.61 21.10
N ILE A 129 27.31 -8.39 20.88
CA ILE A 129 27.18 -9.83 20.77
C ILE A 129 28.08 -10.56 21.76
N LYS A 130 27.47 -11.44 22.54
CA LYS A 130 28.21 -12.23 23.50
C LYS A 130 28.20 -13.71 23.12
N ASN A 131 29.39 -14.25 22.91
CA ASN A 131 29.52 -15.69 22.76
C ASN A 131 29.54 -16.32 24.14
N LEU A 132 28.41 -16.91 24.53
CA LEU A 132 28.24 -17.45 25.88
C LEU A 132 29.13 -18.65 26.13
N THR A 133 29.31 -19.45 25.08
CA THR A 133 30.14 -20.64 25.13
C THR A 133 31.60 -20.32 25.46
N THR A 134 32.08 -19.19 24.96
CA THR A 134 33.51 -18.88 25.05
C THR A 134 33.82 -17.64 25.89
N GLY A 135 32.80 -16.87 26.25
CA GLY A 135 33.01 -15.65 27.01
C GLY A 135 33.42 -14.44 26.18
N GLU A 136 33.73 -14.66 24.91
CA GLU A 136 34.13 -13.58 24.01
C GLU A 136 32.95 -12.63 23.75
N VAL A 137 33.23 -11.34 23.68
CA VAL A 137 32.19 -10.37 23.31
C VAL A 137 32.58 -9.54 22.07
N LEU A 138 31.61 -9.26 21.20
CA LEU A 138 31.84 -8.52 19.96
C LEU A 138 30.87 -7.37 19.84
N LYS A 139 31.24 -6.40 19.01
CA LYS A 139 30.37 -5.26 18.74
C LYS A 139 29.96 -5.27 17.27
N GLY A 140 28.73 -5.68 17.00
CA GLY A 140 28.21 -5.59 15.65
C GLY A 140 27.50 -4.28 15.45
N GLN A 141 27.05 -4.04 14.22
CA GLN A 141 26.28 -2.84 13.89
C GLN A 141 24.85 -2.93 14.40
N LYS A 142 24.45 -2.00 15.26
CA LYS A 142 23.08 -2.00 15.76
C LYS A 142 22.03 -1.78 14.66
N LEU A 143 20.83 -2.30 14.91
CA LEU A 143 19.64 -1.94 14.14
C LEU A 143 19.10 -0.64 14.71
N PRO A 144 19.04 0.44 13.90
CA PRO A 144 18.45 1.70 14.35
C PRO A 144 17.00 1.51 14.77
N GLU A 145 16.51 2.39 15.64
CA GLU A 145 15.16 2.28 16.16
C GLU A 145 14.12 2.21 15.04
N PHE A 146 14.35 2.94 13.96
CA PHE A 146 13.43 2.96 12.81
C PHE A 146 13.22 1.56 12.22
N MET A 147 14.30 0.81 12.15
CA MET A 147 14.26 -0.55 11.61
C MET A 147 13.73 -1.55 12.65
N MET A 148 14.03 -1.31 13.93
CA MET A 148 13.43 -2.11 15.01
C MET A 148 11.90 -2.07 14.92
N GLU A 149 11.35 -0.91 14.57
CA GLU A 149 9.90 -0.76 14.48
C GLU A 149 9.31 -1.61 13.35
N ILE A 150 9.97 -1.61 12.20
CA ILE A 150 9.56 -2.48 11.10
C ILE A 150 9.58 -3.94 11.57
N LEU A 151 10.70 -4.35 12.17
CA LEU A 151 10.83 -5.72 12.68
C LEU A 151 9.77 -6.02 13.73
N GLU A 152 9.60 -5.12 14.70
CA GLU A 152 8.62 -5.29 15.76
C GLU A 152 7.24 -5.49 15.15
N ALA A 153 6.98 -4.78 14.06
CA ALA A 153 5.70 -4.82 13.37
C ALA A 153 5.48 -6.15 12.66
N GLY A 154 6.57 -6.82 12.30
CA GLY A 154 6.48 -8.08 11.60
C GLY A 154 6.95 -7.99 10.16
N GLY A 155 7.52 -6.86 9.78
CA GLY A 155 7.90 -6.67 8.39
C GLY A 155 7.25 -5.42 7.84
N LEU A 156 7.49 -5.14 6.57
CA LEU A 156 7.08 -3.88 5.97
C LEU A 156 5.56 -3.72 5.90
N MET A 157 4.88 -4.73 5.38
CA MET A 157 3.43 -4.67 5.17
C MET A 157 2.63 -4.42 6.45
N PRO A 158 2.85 -5.25 7.49
CA PRO A 158 2.15 -4.89 8.74
C PRO A 158 2.63 -3.54 9.29
N TYR A 159 3.89 -3.19 9.02
CA TYR A 159 4.40 -1.86 9.37
C TYR A 159 3.59 -0.75 8.70
N LEU A 160 3.29 -0.94 7.42
CA LEU A 160 2.49 0.01 6.64
C LEU A 160 1.08 0.18 7.21
N LYS A 161 0.42 -0.93 7.47
CA LYS A 161 -0.94 -0.91 8.01
C LYS A 161 -1.04 -0.06 9.27
N LYS A 162 -0.03 -0.19 10.13
CA LYS A 162 0.03 0.60 11.36
C LYS A 162 0.26 2.08 11.04
N LYS A 163 1.19 2.36 10.13
CA LYS A 163 1.51 3.74 9.75
C LYS A 163 0.32 4.43 9.06
N MET A 164 -0.40 3.70 8.21
CA MET A 164 -1.57 4.22 7.53
C MET A 164 -2.76 4.39 8.46
N ALA A 165 -2.92 3.46 9.39
CA ALA A 165 -3.97 3.57 10.40
C ALA A 165 -3.76 4.80 11.30
N GLU A 166 -2.53 5.33 11.31
CA GLU A 166 -2.18 6.43 12.19
C GLU A 166 -1.91 7.75 11.44
N SER A 167 -2.25 7.77 10.15
CA SER A 167 -1.97 8.93 9.30
C SER A 167 -2.97 10.08 9.46
N GLN A 168 -2.90 11.03 8.53
CA GLN A 168 -3.76 12.22 8.55
C GLN A 168 -3.54 13.00 7.26
N LEU A 169 -2.55 12.57 6.48
CA LEU A 169 -2.15 13.22 5.22
C LEU A 169 -1.86 14.72 5.38
N MET B 1 20.23 11.12 -5.17
CA MET B 1 20.39 11.79 -3.90
C MET B 1 21.85 11.71 -3.56
N ARG B 2 22.34 12.67 -2.80
CA ARG B 2 23.76 12.66 -2.52
C ARG B 2 24.14 11.96 -1.22
N SER B 3 25.06 11.01 -1.34
CA SER B 3 25.67 10.40 -0.18
C SER B 3 26.19 11.50 0.72
N ILE B 4 26.64 12.59 0.10
CA ILE B 4 27.25 13.69 0.84
C ILE B 4 26.48 15.00 0.63
N ILE B 5 26.11 15.62 1.75
CA ILE B 5 25.36 16.87 1.76
C ILE B 5 26.21 17.98 2.37
N LYS B 6 26.25 19.10 1.67
CA LYS B 6 26.98 20.28 2.13
C LYS B 6 25.97 21.41 2.23
N GLY B 7 25.96 22.11 3.35
CA GLY B 7 25.02 23.19 3.54
C GLY B 7 25.37 24.09 4.70
N ARG B 8 24.82 25.31 4.67
CA ARG B 8 24.97 26.20 5.81
C ARG B 8 23.89 25.85 6.83
N VAL B 9 24.23 26.00 8.10
CA VAL B 9 23.42 25.54 9.24
C VAL B 9 22.49 26.59 9.84
N TRP B 10 21.24 26.19 10.06
CA TRP B 10 20.34 26.95 10.92
C TRP B 10 20.16 26.16 12.21
N LYS B 11 20.38 26.81 13.35
CA LYS B 11 20.42 26.10 14.63
C LYS B 11 19.19 26.35 15.49
N PHE B 12 18.70 25.30 16.14
CA PHE B 12 17.59 25.42 17.08
C PHE B 12 17.93 24.59 18.32
N GLY B 13 17.20 24.82 19.41
CA GLY B 13 17.55 24.24 20.68
C GLY B 13 16.94 22.89 21.02
N ASN B 14 16.71 22.69 22.32
CA ASN B 14 16.18 21.45 22.87
C ASN B 14 14.66 21.35 22.88
N ASN B 15 14.16 20.14 22.74
CA ASN B 15 12.72 19.88 22.74
C ASN B 15 11.96 20.80 21.80
N VAL B 16 12.50 21.02 20.60
CA VAL B 16 11.81 21.78 19.56
C VAL B 16 10.60 20.95 19.11
N ASP B 17 9.39 21.46 19.35
CA ASP B 17 8.20 20.64 19.13
C ASP B 17 7.55 20.85 17.75
N THR B 18 6.54 20.04 17.45
CA THR B 18 5.91 20.10 16.14
C THR B 18 5.23 21.45 15.89
N ASP B 19 4.85 22.14 16.96
CA ASP B 19 4.26 23.48 16.80
C ASP B 19 5.32 24.52 16.42
N ALA B 20 6.54 24.34 16.90
CA ALA B 20 7.64 25.21 16.49
C ALA B 20 7.95 25.00 15.01
N ILE B 21 7.97 23.75 14.58
CA ILE B 21 8.31 23.38 13.20
C ILE B 21 7.23 23.74 12.19
N LEU B 22 5.98 23.46 12.54
CA LEU B 22 4.86 23.75 11.65
C LEU B 22 3.64 24.07 12.50
N PRO B 23 3.37 25.37 12.72
CA PRO B 23 2.29 25.76 13.64
C PRO B 23 0.93 25.21 13.24
N ALA B 24 0.11 24.93 14.25
CA ALA B 24 -1.21 24.33 14.10
C ALA B 24 -2.08 25.05 13.09
N ARG B 25 -1.99 26.37 13.03
CA ARG B 25 -2.85 27.13 12.11
C ARG B 25 -2.61 26.76 10.66
N TYR B 26 -1.47 26.12 10.36
CA TYR B 26 -1.15 25.73 9.00
C TYR B 26 -1.55 24.30 8.63
N LEU B 27 -2.21 23.60 9.54
CA LEU B 27 -2.66 22.25 9.28
C LEU B 27 -3.70 22.20 8.18
N VAL B 28 -4.27 23.36 7.86
CA VAL B 28 -5.22 23.44 6.76
C VAL B 28 -4.57 23.03 5.40
N TYR B 29 -3.25 23.15 5.29
CA TYR B 29 -2.55 22.80 4.04
C TYR B 29 -1.99 21.38 4.04
N THR B 30 -2.10 20.70 2.92
CA THR B 30 -1.59 19.33 2.81
C THR B 30 -0.43 19.18 1.83
N LYS B 31 -0.19 20.20 1.00
CA LYS B 31 0.87 20.11 0.00
C LYS B 31 2.24 20.59 0.51
N PRO B 32 3.31 19.88 0.12
CA PRO B 32 4.61 20.36 0.59
C PRO B 32 4.95 21.77 0.10
N GLU B 33 4.48 22.15 -1.09
CA GLU B 33 4.76 23.50 -1.61
C GLU B 33 4.13 24.57 -0.75
N GLU B 34 3.01 24.26 -0.12
CA GLU B 34 2.35 25.23 0.74
C GLU B 34 3.01 25.27 2.11
N LEU B 35 3.16 24.10 2.72
CA LEU B 35 3.75 23.98 4.06
C LEU B 35 5.17 24.54 4.11
N ALA B 36 5.86 24.45 2.98
CA ALA B 36 7.23 24.95 2.85
C ALA B 36 7.36 26.38 3.31
N GLN B 37 6.29 27.14 3.14
CA GLN B 37 6.27 28.57 3.41
C GLN B 37 6.29 28.89 4.89
N PHE B 38 6.03 27.89 5.72
CA PHE B 38 5.83 28.17 7.13
C PHE B 38 6.77 27.40 8.04
N VAL B 39 7.79 26.74 7.47
CA VAL B 39 8.74 25.97 8.26
C VAL B 39 9.41 26.76 9.38
N MET B 40 9.38 26.18 10.58
CA MET B 40 10.02 26.72 11.77
C MET B 40 9.41 28.04 12.27
N THR B 41 8.27 28.44 11.71
CA THR B 41 7.65 29.74 12.07
C THR B 41 7.13 29.83 13.51
N GLY B 42 6.92 28.69 14.15
CA GLY B 42 6.64 28.68 15.57
C GLY B 42 7.84 29.14 16.38
N ALA B 43 9.04 28.77 15.96
CA ALA B 43 10.24 29.17 16.71
C ALA B 43 10.78 30.50 16.21
N ASP B 44 10.71 30.73 14.90
CA ASP B 44 11.23 31.95 14.28
C ASP B 44 10.34 32.35 13.12
N PRO B 45 9.43 33.30 13.33
CA PRO B 45 8.45 33.71 12.32
C PRO B 45 9.08 34.21 11.02
N ASP B 46 10.35 34.59 11.05
CA ASP B 46 10.98 35.07 9.83
C ASP B 46 11.79 34.00 9.12
N PHE B 47 11.75 32.77 9.65
CA PHE B 47 12.64 31.73 9.15
C PHE B 47 12.51 31.49 7.64
N PRO B 48 11.28 31.49 7.11
CA PRO B 48 11.14 31.28 5.66
C PRO B 48 11.81 32.36 4.82
N LYS B 49 12.02 33.54 5.39
CA LYS B 49 12.70 34.62 4.67
C LYS B 49 14.23 34.42 4.65
N LYS B 50 14.74 33.55 5.51
CA LYS B 50 16.18 33.38 5.62
C LYS B 50 16.64 32.10 4.94
N VAL B 51 15.85 31.04 5.12
CA VAL B 51 16.30 29.72 4.72
C VAL B 51 16.30 29.62 3.21
N LYS B 52 17.27 28.89 2.67
CA LYS B 52 17.31 28.62 1.25
C LYS B 52 17.35 27.10 1.02
N PRO B 53 16.79 26.63 -0.10
CA PRO B 53 16.90 25.19 -0.35
C PRO B 53 18.35 24.70 -0.31
N GLY B 54 18.58 23.56 0.32
CA GLY B 54 19.92 23.03 0.49
C GLY B 54 20.47 23.27 1.89
N ASP B 55 19.96 24.26 2.60
CA ASP B 55 20.42 24.54 3.95
C ASP B 55 20.19 23.34 4.89
N ILE B 56 20.97 23.28 5.95
CA ILE B 56 20.86 22.22 6.94
C ILE B 56 20.28 22.77 8.22
N ILE B 57 19.43 22.00 8.89
CA ILE B 57 19.03 22.37 10.23
C ILE B 57 19.78 21.54 11.28
N VAL B 58 20.36 22.21 12.27
CA VAL B 58 20.90 21.50 13.43
C VAL B 58 20.01 21.70 14.65
N GLY B 59 19.68 20.61 15.33
CA GLY B 59 18.79 20.69 16.48
C GLY B 59 19.42 20.11 17.72
N GLY B 60 18.90 20.47 18.89
CA GLY B 60 19.31 19.86 20.16
C GLY B 60 18.68 18.51 20.42
N LYS B 61 18.35 18.24 21.67
CA LYS B 61 17.70 16.99 22.04
C LYS B 61 16.21 16.96 21.70
N ASN B 62 15.72 15.78 21.35
CA ASN B 62 14.28 15.53 21.24
C ASN B 62 13.62 16.41 20.20
N PHE B 63 14.33 16.65 19.11
CA PHE B 63 13.82 17.49 18.04
C PHE B 63 12.59 16.84 17.40
N GLY B 64 11.53 17.62 17.25
CA GLY B 64 10.31 17.17 16.62
C GLY B 64 9.35 16.53 17.59
N CYS B 65 9.48 16.83 18.88
CA CYS B 65 8.66 16.18 19.89
C CYS B 65 7.21 16.66 19.81
N GLY B 66 6.31 15.80 20.23
CA GLY B 66 4.88 16.10 20.24
C GLY B 66 4.09 15.01 19.53
N SER B 67 2.77 15.11 19.57
CA SER B 67 1.89 14.20 18.82
C SER B 67 2.22 14.20 17.35
N SER B 68 1.84 13.13 16.65
CA SER B 68 2.08 12.98 15.23
C SER B 68 1.63 14.23 14.47
N ARG B 69 2.54 14.79 13.70
CA ARG B 69 2.16 15.85 12.78
C ARG B 69 2.99 15.69 11.54
N GLU B 70 2.47 14.92 10.59
CA GLU B 70 3.13 14.67 9.33
C GLU B 70 3.50 15.95 8.59
N HIS B 71 2.74 17.01 8.81
CA HIS B 71 2.97 18.25 8.09
C HIS B 71 4.35 18.82 8.38
N ALA B 72 4.91 18.43 9.53
CA ALA B 72 6.10 19.11 9.99
C ALA B 72 7.29 18.68 9.14
N PRO B 73 7.54 17.39 9.02
CA PRO B 73 8.67 17.08 8.13
C PRO B 73 8.30 17.30 6.67
N LEU B 74 7.01 17.24 6.34
CA LEU B 74 6.61 17.48 4.95
C LEU B 74 6.98 18.91 4.55
N GLY B 75 6.75 19.85 5.46
CA GLY B 75 7.12 21.24 5.24
C GLY B 75 8.62 21.45 5.13
N LEU B 76 9.38 20.81 6.02
CA LEU B 76 10.83 20.88 5.94
C LEU B 76 11.31 20.35 4.60
N LYS B 77 10.78 19.21 4.21
CA LYS B 77 11.11 18.63 2.91
C LYS B 77 10.76 19.63 1.80
N GLY B 78 9.54 20.15 1.86
CA GLY B 78 9.06 21.06 0.85
C GLY B 78 9.92 22.32 0.72
N ALA B 79 10.52 22.74 1.82
CA ALA B 79 11.38 23.91 1.84
C ALA B 79 12.78 23.61 1.31
N GLY B 80 13.05 22.34 1.01
CA GLY B 80 14.36 21.99 0.50
C GLY B 80 15.45 21.84 1.56
N ILE B 81 15.06 21.74 2.83
CA ILE B 81 16.02 21.38 3.87
C ILE B 81 16.71 20.08 3.43
N SER B 82 18.04 20.10 3.34
CA SER B 82 18.75 18.93 2.82
C SER B 82 18.91 17.84 3.87
N CYS B 83 18.91 18.22 5.14
CA CYS B 83 19.21 17.29 6.21
C CYS B 83 18.89 17.97 7.51
N VAL B 84 18.42 17.21 8.49
CA VAL B 84 18.36 17.70 9.87
C VAL B 84 19.29 16.83 10.71
N ILE B 85 20.21 17.48 11.42
CA ILE B 85 21.10 16.80 12.34
C ILE B 85 20.76 17.25 13.74
N ALA B 86 20.50 16.31 14.63
CA ALA B 86 20.14 16.66 16.01
C ALA B 86 20.82 15.75 17.02
N GLU B 87 20.88 16.19 18.28
CA GLU B 87 21.37 15.33 19.34
C GLU B 87 20.51 14.08 19.41
N SER B 88 19.21 14.25 19.21
CA SER B 88 18.27 13.13 19.19
C SER B 88 16.95 13.62 18.62
N PHE B 89 16.13 12.69 18.11
CA PHE B 89 14.80 13.05 17.58
C PHE B 89 13.67 12.35 18.32
N ALA B 90 12.51 12.98 18.34
CA ALA B 90 11.32 12.29 18.81
C ALA B 90 11.02 11.14 17.85
N ARG B 91 10.55 10.02 18.39
CA ARG B 91 10.25 8.83 17.60
C ARG B 91 9.29 9.06 16.44
N ILE B 92 8.18 9.72 16.71
CA ILE B 92 7.15 9.91 15.70
C ILE B 92 7.62 10.80 14.56
N PHE B 93 8.18 11.96 14.92
CA PHE B 93 8.79 12.84 13.94
C PHE B 93 9.83 12.11 13.10
N TYR B 94 10.62 11.25 13.75
CA TYR B 94 11.74 10.60 13.09
C TYR B 94 11.25 9.70 11.96
N ARG B 95 10.27 8.86 12.25
CA ARG B 95 9.77 7.95 11.25
C ARG B 95 8.98 8.69 10.16
N ASN B 96 8.23 9.73 10.55
CA ASN B 96 7.49 10.53 9.60
C ASN B 96 8.41 11.22 8.61
N ALA B 97 9.57 11.65 9.09
CA ALA B 97 10.56 12.33 8.27
C ALA B 97 11.24 11.37 7.27
N ILE B 98 11.79 10.27 7.77
CA ILE B 98 12.43 9.30 6.89
C ILE B 98 11.41 8.82 5.85
N ASN B 99 10.16 8.62 6.28
CA ASN B 99 9.14 8.14 5.36
C ASN B 99 8.66 9.16 4.30
N VAL B 100 8.94 10.45 4.48
CA VAL B 100 8.72 11.41 3.39
C VAL B 100 10.00 11.82 2.66
N GLY B 101 11.11 11.12 2.92
CA GLY B 101 12.32 11.34 2.17
C GLY B 101 13.25 12.40 2.74
N LEU B 102 13.02 12.76 3.99
CA LEU B 102 13.83 13.80 4.64
C LEU B 102 14.94 13.15 5.45
N PRO B 103 16.21 13.34 5.03
CA PRO B 103 17.31 12.66 5.71
C PRO B 103 17.50 13.24 7.11
N LEU B 104 17.67 12.36 8.09
CA LEU B 104 17.99 12.78 9.45
C LEU B 104 19.24 12.06 9.91
N ILE B 105 20.06 12.75 10.67
CA ILE B 105 21.13 12.06 11.37
C ILE B 105 21.29 12.55 12.82
N GLU B 106 21.48 11.58 13.71
CA GLU B 106 21.67 11.87 15.12
C GLU B 106 23.16 11.98 15.40
N CYS B 107 23.55 13.04 16.10
CA CYS B 107 24.95 13.23 16.44
C CYS B 107 25.07 13.83 17.82
N LYS B 108 25.45 13.00 18.78
CA LYS B 108 25.61 13.44 20.16
C LYS B 108 26.66 14.54 20.19
N GLY B 109 26.36 15.63 20.90
CA GLY B 109 27.30 16.72 21.05
C GLY B 109 27.35 17.71 19.90
N ILE B 110 26.53 17.52 18.86
CA ILE B 110 26.52 18.44 17.73
C ILE B 110 26.23 19.87 18.16
N SER B 111 25.38 20.04 19.18
CA SER B 111 24.97 21.38 19.61
C SER B 111 26.12 22.26 20.11
N GLU B 112 27.17 21.63 20.65
CA GLU B 112 28.29 22.37 21.19
C GLU B 112 29.41 22.60 20.16
N LYS B 113 29.34 21.91 19.02
CA LYS B 113 30.41 21.98 18.03
C LYS B 113 30.00 22.64 16.71
N VAL B 114 28.82 23.25 16.70
CA VAL B 114 28.38 23.92 15.50
C VAL B 114 27.70 25.22 15.86
N ASN B 115 28.09 26.28 15.17
CA ASN B 115 27.38 27.54 15.25
C ASN B 115 26.47 27.71 14.06
N GLU B 116 25.35 28.40 14.29
CA GLU B 116 24.48 28.80 13.21
C GLU B 116 25.29 29.57 12.17
N GLY B 117 25.17 29.17 10.92
CA GLY B 117 25.88 29.83 9.85
C GLY B 117 27.15 29.07 9.47
N ASP B 118 27.62 28.16 10.34
CA ASP B 118 28.73 27.28 9.96
C ASP B 118 28.31 26.48 8.72
N GLU B 119 29.31 25.98 8.02
CA GLU B 119 29.11 25.12 6.85
C GLU B 119 29.49 23.70 7.24
N LEU B 120 28.58 22.75 6.98
CA LEU B 120 28.82 21.35 7.30
C LEU B 120 28.80 20.46 6.06
N GLU B 121 29.62 19.42 6.10
CA GLU B 121 29.59 18.38 5.10
C GLU B 121 29.19 17.14 5.86
N VAL B 122 28.04 16.56 5.48
CA VAL B 122 27.52 15.37 6.15
C VAL B 122 27.56 14.17 5.21
N ASN B 123 28.23 13.10 5.64
CA ASN B 123 28.21 11.84 4.90
C ASN B 123 27.13 10.93 5.48
N LEU B 124 26.00 10.80 4.79
CA LEU B 124 24.86 10.06 5.34
C LEU B 124 25.18 8.58 5.59
N GLU B 125 26.03 8.01 4.74
CA GLU B 125 26.34 6.58 4.79
C GLU B 125 27.25 6.17 5.94
N THR B 126 28.13 7.07 6.37
CA THR B 126 29.05 6.77 7.44
C THR B 126 28.70 7.57 8.69
N GLY B 127 27.93 8.64 8.52
CA GLY B 127 27.58 9.50 9.65
C GLY B 127 28.67 10.48 10.03
N GLU B 128 29.79 10.46 9.32
CA GLU B 128 30.86 11.40 9.61
C GLU B 128 30.43 12.83 9.26
N ILE B 129 30.69 13.77 10.16
CA ILE B 129 30.30 15.15 9.92
C ILE B 129 31.49 16.09 10.03
N LYS B 130 31.79 16.81 8.94
CA LYS B 130 32.86 17.78 8.97
C LYS B 130 32.30 19.18 9.11
N ASN B 131 32.70 19.88 10.16
CA ASN B 131 32.40 21.30 10.29
C ASN B 131 33.45 22.07 9.48
N LEU B 132 33.08 22.46 8.27
CA LEU B 132 34.03 23.08 7.35
C LEU B 132 34.61 24.39 7.88
N THR B 133 33.82 25.21 8.56
CA THR B 133 34.31 26.51 8.98
C THR B 133 35.16 26.41 10.24
N THR B 134 35.17 25.23 10.83
CA THR B 134 35.86 24.99 12.08
C THR B 134 36.99 23.97 11.91
N GLY B 135 36.86 23.09 10.93
CA GLY B 135 37.82 22.03 10.74
C GLY B 135 37.51 20.81 11.58
N GLU B 136 36.73 20.97 12.65
CA GLU B 136 36.37 19.84 13.50
C GLU B 136 35.61 18.75 12.74
N VAL B 137 35.87 17.51 13.13
CA VAL B 137 35.15 16.38 12.56
C VAL B 137 34.42 15.66 13.68
N LEU B 138 33.12 15.45 13.48
CA LEU B 138 32.30 14.79 14.50
C LEU B 138 31.82 13.48 13.94
N LYS B 139 31.43 12.58 14.83
CA LYS B 139 30.93 11.27 14.43
C LYS B 139 29.46 11.09 14.78
N GLY B 140 28.59 11.25 13.79
CA GLY B 140 27.18 11.01 13.99
C GLY B 140 26.87 9.57 13.68
N GLN B 141 25.65 9.14 13.99
CA GLN B 141 25.20 7.78 13.70
C GLN B 141 24.84 7.67 12.23
N LYS B 142 25.46 6.72 11.55
CA LYS B 142 25.23 6.53 10.13
C LYS B 142 23.81 6.06 9.85
N LEU B 143 23.31 6.42 8.68
CA LEU B 143 22.10 5.80 8.18
C LEU B 143 22.52 4.51 7.54
N PRO B 144 21.99 3.38 8.02
CA PRO B 144 22.20 2.07 7.39
C PRO B 144 21.79 2.12 5.92
N GLU B 145 22.36 1.22 5.13
CA GLU B 145 22.08 1.20 3.70
C GLU B 145 20.60 0.97 3.40
N PHE B 146 19.91 0.25 4.30
CA PHE B 146 18.49 -0.06 4.10
C PHE B 146 17.63 1.22 4.09
N MET B 147 17.95 2.12 4.99
CA MET B 147 17.27 3.41 5.08
C MET B 147 17.72 4.39 4.00
N MET B 148 19.01 4.33 3.63
CA MET B 148 19.51 5.10 2.50
C MET B 148 18.67 4.81 1.27
N GLU B 149 18.31 3.54 1.09
CA GLU B 149 17.45 3.13 -0.04
C GLU B 149 16.07 3.79 -0.01
N ILE B 150 15.48 3.90 1.17
CA ILE B 150 14.17 4.54 1.31
C ILE B 150 14.26 6.02 0.96
N LEU B 151 15.33 6.66 1.42
CA LEU B 151 15.56 8.08 1.11
C LEU B 151 15.87 8.26 -0.37
N GLU B 152 16.72 7.39 -0.93
CA GLU B 152 17.09 7.51 -2.33
C GLU B 152 15.85 7.34 -3.19
N ALA B 153 14.85 6.62 -2.68
CA ALA B 153 13.59 6.44 -3.39
C ALA B 153 12.68 7.66 -3.25
N GLY B 154 12.95 8.49 -2.25
CA GLY B 154 12.14 9.66 -2.00
C GLY B 154 11.09 9.47 -0.92
N GLY B 155 11.18 8.37 -0.17
CA GLY B 155 10.22 8.14 0.90
C GLY B 155 9.56 6.78 0.82
N LEU B 156 8.67 6.50 1.77
CA LEU B 156 8.13 5.15 1.93
C LEU B 156 7.27 4.70 0.75
N MET B 157 6.33 5.53 0.33
CA MET B 157 5.47 5.19 -0.80
C MET B 157 6.23 4.89 -2.10
N PRO B 158 7.13 5.80 -2.53
CA PRO B 158 7.86 5.47 -3.76
C PRO B 158 8.77 4.26 -3.58
N TYR B 159 9.20 4.02 -2.34
CA TYR B 159 9.98 2.82 -2.05
C TYR B 159 9.13 1.55 -2.20
N LEU B 160 7.93 1.58 -1.62
CA LEU B 160 6.99 0.46 -1.73
C LEU B 160 6.68 0.18 -3.19
N LYS B 161 6.48 1.25 -3.96
CA LYS B 161 6.15 1.15 -5.38
C LYS B 161 7.16 0.28 -6.13
N LYS B 162 8.44 0.59 -5.94
CA LYS B 162 9.50 -0.15 -6.59
C LYS B 162 9.64 -1.56 -6.04
N LYS B 163 9.40 -1.72 -4.75
CA LYS B 163 9.59 -3.02 -4.10
C LYS B 163 8.58 -4.07 -4.58
N MET B 164 7.33 -3.65 -4.78
CA MET B 164 6.32 -4.55 -5.34
C MET B 164 6.55 -4.73 -6.83
N ALA B 165 7.04 -3.68 -7.48
CA ALA B 165 7.41 -3.74 -8.90
C ALA B 165 8.55 -4.74 -9.11
N GLU B 166 9.29 -5.04 -8.04
CA GLU B 166 10.40 -5.99 -8.09
C GLU B 166 10.04 -7.35 -7.46
N SER B 167 8.79 -7.53 -7.08
CA SER B 167 8.36 -8.74 -6.35
C SER B 167 8.23 -10.00 -7.23
N GLN B 168 8.48 -11.15 -6.60
CA GLN B 168 8.29 -12.45 -7.26
C GLN B 168 7.00 -13.10 -6.76
N LEU B 169 6.73 -12.93 -5.47
CA LEU B 169 5.63 -13.62 -4.81
C LEU B 169 4.35 -12.78 -4.82
N MET C 1 8.71 -39.94 -21.80
CA MET C 1 7.99 -38.74 -22.20
C MET C 1 6.54 -39.03 -22.59
N ARG C 2 5.64 -38.12 -22.24
CA ARG C 2 4.27 -38.23 -22.71
C ARG C 2 4.15 -37.79 -24.17
N SER C 3 3.82 -38.71 -25.07
CA SER C 3 3.57 -38.40 -26.47
C SER C 3 2.16 -37.86 -26.64
N ILE C 4 1.26 -38.39 -25.82
CA ILE C 4 -0.14 -38.03 -25.87
C ILE C 4 -0.43 -37.19 -24.62
N ILE C 5 -0.93 -35.98 -24.84
CA ILE C 5 -1.01 -34.98 -23.80
C ILE C 5 -2.44 -34.49 -23.65
N LYS C 6 -2.93 -34.52 -22.42
CA LYS C 6 -4.24 -33.96 -22.11
C LYS C 6 -4.09 -32.82 -21.11
N GLY C 7 -4.73 -31.69 -21.38
CA GLY C 7 -4.67 -30.60 -20.44
C GLY C 7 -5.72 -29.57 -20.74
N ARG C 8 -5.87 -28.63 -19.82
CA ARG C 8 -6.79 -27.52 -20.00
C ARG C 8 -6.07 -26.35 -20.70
N VAL C 9 -6.80 -25.66 -21.58
CA VAL C 9 -6.25 -24.67 -22.49
C VAL C 9 -6.25 -23.22 -21.98
N TRP C 10 -5.12 -22.54 -22.13
CA TRP C 10 -5.11 -21.08 -22.03
C TRP C 10 -4.89 -20.55 -23.43
N LYS C 11 -5.68 -19.55 -23.82
CA LYS C 11 -5.65 -19.12 -25.21
C LYS C 11 -5.10 -17.70 -25.35
N PHE C 12 -4.29 -17.49 -26.38
CA PHE C 12 -3.78 -16.15 -26.69
C PHE C 12 -3.89 -15.94 -28.20
N GLY C 13 -3.86 -14.67 -28.61
CA GLY C 13 -4.17 -14.31 -29.98
C GLY C 13 -3.03 -14.34 -30.99
N ASN C 14 -3.06 -13.37 -31.90
CA ASN C 14 -2.08 -13.30 -32.97
C ASN C 14 -0.87 -12.43 -32.63
N ASN C 15 0.29 -12.80 -33.17
CA ASN C 15 1.53 -12.05 -32.98
C ASN C 15 1.86 -11.80 -31.50
N VAL C 16 1.60 -12.79 -30.65
CA VAL C 16 1.99 -12.71 -29.24
C VAL C 16 3.52 -12.71 -29.16
N ASP C 17 4.11 -11.61 -28.71
CA ASP C 17 5.56 -11.49 -28.79
C ASP C 17 6.34 -11.96 -27.54
N THR C 18 7.67 -11.97 -27.65
CA THR C 18 8.49 -12.46 -26.54
C THR C 18 8.30 -11.61 -25.28
N ASP C 19 7.94 -10.33 -25.47
CA ASP C 19 7.66 -9.45 -24.34
C ASP C 19 6.36 -9.85 -23.63
N ALA C 20 5.40 -10.36 -24.39
CA ALA C 20 4.15 -10.83 -23.80
C ALA C 20 4.42 -12.08 -22.97
N ILE C 21 5.22 -12.98 -23.54
CA ILE C 21 5.56 -14.26 -22.90
C ILE C 21 6.47 -14.14 -21.67
N LEU C 22 7.48 -13.27 -21.77
CA LEU C 22 8.46 -13.13 -20.69
C LEU C 22 9.06 -11.71 -20.67
N PRO C 23 8.43 -10.80 -19.92
CA PRO C 23 8.87 -9.40 -19.89
C PRO C 23 10.38 -9.24 -19.65
N ALA C 24 10.93 -8.21 -20.28
CA ALA C 24 12.36 -7.97 -20.32
C ALA C 24 12.93 -7.81 -18.92
N ARG C 25 12.14 -7.25 -18.01
CA ARG C 25 12.58 -7.06 -16.64
C ARG C 25 12.94 -8.36 -15.90
N TYR C 26 12.59 -9.51 -16.46
CA TYR C 26 12.91 -10.79 -15.78
C TYR C 26 14.11 -11.50 -16.39
N LEU C 27 14.77 -10.89 -17.37
CA LEU C 27 15.91 -11.54 -18.03
C LEU C 27 17.06 -11.77 -17.04
N VAL C 28 17.04 -11.05 -15.92
CA VAL C 28 18.03 -11.27 -14.87
C VAL C 28 18.01 -12.73 -14.38
N TYR C 29 16.84 -13.35 -14.40
CA TYR C 29 16.72 -14.74 -13.98
C TYR C 29 17.09 -15.72 -15.11
N THR C 30 17.86 -16.75 -14.79
CA THR C 30 18.27 -17.71 -15.80
C THR C 30 17.72 -19.14 -15.63
N LYS C 31 17.10 -19.41 -14.48
CA LYS C 31 16.58 -20.75 -14.19
C LYS C 31 15.10 -20.88 -14.56
N PRO C 32 14.70 -22.04 -15.14
CA PRO C 32 13.29 -22.27 -15.47
C PRO C 32 12.38 -22.08 -14.26
N GLU C 33 12.82 -22.50 -13.08
CA GLU C 33 12.00 -22.36 -11.86
C GLU C 33 11.72 -20.91 -11.50
N GLU C 34 12.66 -20.04 -11.84
CA GLU C 34 12.46 -18.63 -11.56
C GLU C 34 11.58 -18.02 -12.61
N LEU C 35 11.87 -18.37 -13.86
CA LEU C 35 11.17 -17.79 -15.01
C LEU C 35 9.69 -18.19 -15.00
N ALA C 36 9.43 -19.40 -14.50
CA ALA C 36 8.07 -19.93 -14.32
C ALA C 36 7.13 -18.92 -13.66
N GLN C 37 7.66 -18.18 -12.70
CA GLN C 37 6.84 -17.23 -11.94
C GLN C 37 6.30 -16.08 -12.77
N PHE C 38 6.81 -15.90 -13.98
CA PHE C 38 6.48 -14.70 -14.76
C PHE C 38 5.93 -14.95 -16.16
N VAL C 39 5.54 -16.18 -16.44
CA VAL C 39 5.06 -16.54 -17.76
C VAL C 39 3.81 -15.75 -18.19
N MET C 40 3.84 -15.32 -19.45
CA MET C 40 2.73 -14.60 -20.05
C MET C 40 2.34 -13.31 -19.32
N THR C 41 3.18 -12.81 -18.41
CA THR C 41 2.74 -11.65 -17.63
C THR C 41 2.67 -10.36 -18.43
N GLY C 42 3.27 -10.33 -19.62
CA GLY C 42 3.14 -9.20 -20.50
C GLY C 42 1.72 -9.14 -21.04
N ALA C 43 1.15 -10.31 -21.31
CA ALA C 43 -0.20 -10.41 -21.85
C ALA C 43 -1.24 -10.40 -20.72
N ASP C 44 -0.90 -11.06 -19.62
CA ASP C 44 -1.83 -11.21 -18.51
C ASP C 44 -1.04 -11.27 -17.23
N PRO C 45 -1.02 -10.16 -16.49
CA PRO C 45 -0.21 -10.02 -15.27
C PRO C 45 -0.54 -11.07 -14.21
N ASP C 46 -1.73 -11.65 -14.28
CA ASP C 46 -2.16 -12.65 -13.30
C ASP C 46 -2.05 -14.09 -13.79
N PHE C 47 -1.46 -14.29 -14.96
CA PHE C 47 -1.40 -15.64 -15.56
C PHE C 47 -0.72 -16.67 -14.65
N PRO C 48 0.41 -16.30 -14.02
CA PRO C 48 1.06 -17.31 -13.16
C PRO C 48 0.18 -17.71 -11.97
N LYS C 49 -0.79 -16.89 -11.61
CA LYS C 49 -1.76 -17.23 -10.57
C LYS C 49 -2.81 -18.22 -11.08
N LYS C 50 -2.92 -18.32 -12.40
CA LYS C 50 -4.00 -19.10 -13.01
C LYS C 50 -3.52 -20.42 -13.58
N VAL C 51 -2.34 -20.41 -14.15
CA VAL C 51 -1.82 -21.60 -14.82
C VAL C 51 -1.41 -22.68 -13.82
N LYS C 52 -1.57 -23.93 -14.22
CA LYS C 52 -1.08 -25.06 -13.44
C LYS C 52 -0.21 -25.93 -14.35
N PRO C 53 0.80 -26.60 -13.77
CA PRO C 53 1.62 -27.49 -14.59
C PRO C 53 0.73 -28.53 -15.30
N GLY C 54 1.03 -28.78 -16.58
CA GLY C 54 0.27 -29.72 -17.37
C GLY C 54 -0.66 -29.00 -18.32
N ASP C 55 -0.94 -27.73 -18.02
CA ASP C 55 -1.83 -26.95 -18.85
C ASP C 55 -1.22 -26.79 -20.23
N ILE C 56 -2.08 -26.45 -21.18
CA ILE C 56 -1.72 -26.27 -22.56
C ILE C 56 -1.97 -24.81 -22.95
N ILE C 57 -1.08 -24.25 -23.74
CA ILE C 57 -1.31 -22.94 -24.30
C ILE C 57 -1.67 -23.09 -25.77
N VAL C 58 -2.74 -22.41 -26.19
CA VAL C 58 -3.08 -22.28 -27.60
C VAL C 58 -2.84 -20.85 -28.06
N GLY C 59 -2.17 -20.69 -29.19
CA GLY C 59 -1.83 -19.38 -29.72
C GLY C 59 -2.34 -19.18 -31.14
N GLY C 60 -2.41 -17.93 -31.57
CA GLY C 60 -2.79 -17.64 -32.95
C GLY C 60 -1.60 -17.72 -33.90
N LYS C 61 -1.56 -16.82 -34.86
CA LYS C 61 -0.43 -16.76 -35.79
C LYS C 61 0.82 -16.17 -35.17
N ASN C 62 1.97 -16.66 -35.64
CA ASN C 62 3.26 -16.03 -35.37
C ASN C 62 3.54 -15.93 -33.89
N PHE C 63 3.15 -16.97 -33.17
CA PHE C 63 3.37 -17.03 -31.74
C PHE C 63 4.87 -17.01 -31.37
N GLY C 64 5.22 -16.14 -30.42
CA GLY C 64 6.60 -16.06 -29.96
C GLY C 64 7.46 -15.13 -30.78
N CYS C 65 6.84 -14.16 -31.47
CA CYS C 65 7.58 -13.29 -32.37
C CYS C 65 8.47 -12.29 -31.63
N GLY C 66 9.48 -11.84 -32.35
CA GLY C 66 10.42 -10.87 -31.83
C GLY C 66 11.83 -11.40 -31.85
N SER C 67 12.75 -10.61 -31.31
CA SER C 67 14.14 -10.98 -31.20
C SER C 67 14.31 -12.23 -30.35
N SER C 68 15.36 -13.00 -30.62
CA SER C 68 15.66 -14.16 -29.81
C SER C 68 15.55 -13.86 -28.31
N ARG C 69 14.68 -14.62 -27.63
CA ARG C 69 14.58 -14.58 -26.18
C ARG C 69 14.33 -16.01 -25.65
N GLU C 70 15.41 -16.75 -25.45
CA GLU C 70 15.34 -18.12 -24.97
C GLU C 70 14.62 -18.26 -23.62
N HIS C 71 14.67 -17.21 -22.80
CA HIS C 71 13.95 -17.20 -21.53
C HIS C 71 12.46 -17.44 -21.71
N ALA C 72 11.92 -17.09 -22.87
CA ALA C 72 10.47 -17.17 -23.07
C ALA C 72 9.97 -18.62 -23.04
N PRO C 73 10.51 -19.48 -23.95
CA PRO C 73 10.11 -20.89 -23.86
C PRO C 73 10.67 -21.59 -22.61
N LEU C 74 11.82 -21.15 -22.11
CA LEU C 74 12.36 -21.73 -20.88
C LEU C 74 11.39 -21.52 -19.71
N GLY C 75 10.82 -20.33 -19.64
CA GLY C 75 9.85 -20.03 -18.59
C GLY C 75 8.60 -20.86 -18.77
N LEU C 76 8.16 -21.01 -20.02
CA LEU C 76 6.94 -21.79 -20.29
C LEU C 76 7.15 -23.22 -19.84
N LYS C 77 8.33 -23.74 -20.10
CA LYS C 77 8.66 -25.09 -19.69
C LYS C 77 8.78 -25.18 -18.17
N GLY C 78 9.41 -24.19 -17.56
CA GLY C 78 9.56 -24.18 -16.11
C GLY C 78 8.20 -24.18 -15.43
N ALA C 79 7.23 -23.56 -16.07
CA ALA C 79 5.90 -23.47 -15.47
C ALA C 79 5.11 -24.76 -15.70
N GLY C 80 5.73 -25.74 -16.34
CA GLY C 80 5.09 -27.02 -16.62
C GLY C 80 4.09 -27.00 -17.77
N ILE C 81 4.18 -26.01 -18.66
CA ILE C 81 3.37 -26.03 -19.88
C ILE C 81 3.67 -27.31 -20.65
N SER C 82 2.65 -28.14 -20.89
CA SER C 82 2.86 -29.44 -21.53
C SER C 82 3.15 -29.30 -23.02
N CYS C 83 2.54 -28.31 -23.65
CA CYS C 83 2.87 -28.01 -25.03
C CYS C 83 2.22 -26.71 -25.47
N VAL C 84 2.74 -26.12 -26.54
CA VAL C 84 2.06 -25.00 -27.15
C VAL C 84 1.49 -25.41 -28.52
N ILE C 85 0.22 -25.13 -28.76
CA ILE C 85 -0.37 -25.31 -30.08
C ILE C 85 -0.70 -23.94 -30.65
N ALA C 86 -0.21 -23.65 -31.85
CA ALA C 86 -0.43 -22.35 -32.47
C ALA C 86 -0.73 -22.46 -33.97
N GLU C 87 -1.41 -21.46 -34.51
CA GLU C 87 -1.63 -21.39 -35.95
C GLU C 87 -0.26 -21.48 -36.63
N SER C 88 0.71 -20.76 -36.06
CA SER C 88 2.10 -20.85 -36.52
C SER C 88 3.03 -20.26 -35.46
N PHE C 89 4.32 -20.62 -35.54
CA PHE C 89 5.32 -20.05 -34.63
C PHE C 89 6.33 -19.14 -35.31
N ALA C 90 6.66 -18.04 -34.65
CA ALA C 90 7.85 -17.27 -35.02
C ALA C 90 9.01 -18.26 -35.08
N ARG C 91 9.90 -18.05 -36.04
CA ARG C 91 10.97 -18.99 -36.35
C ARG C 91 12.01 -19.15 -35.25
N ILE C 92 12.50 -18.04 -34.72
CA ILE C 92 13.48 -18.08 -33.64
C ILE C 92 12.89 -18.68 -32.36
N PHE C 93 11.66 -18.30 -32.03
CA PHE C 93 10.99 -18.91 -30.88
C PHE C 93 10.89 -20.44 -31.04
N TYR C 94 10.50 -20.86 -32.24
CA TYR C 94 10.39 -22.30 -32.51
C TYR C 94 11.70 -23.00 -32.21
N ARG C 95 12.81 -22.42 -32.67
CA ARG C 95 14.10 -23.08 -32.47
C ARG C 95 14.48 -23.05 -30.98
N ASN C 96 14.19 -21.93 -30.31
CA ASN C 96 14.51 -21.83 -28.89
C ASN C 96 13.74 -22.85 -28.08
N ALA C 97 12.49 -23.07 -28.48
CA ALA C 97 11.64 -24.02 -27.80
C ALA C 97 12.16 -25.46 -27.87
N ILE C 98 12.56 -25.90 -29.06
CA ILE C 98 13.07 -27.27 -29.17
C ILE C 98 14.42 -27.43 -28.48
N ASN C 99 15.19 -26.36 -28.46
CA ASN C 99 16.45 -26.37 -27.71
C ASN C 99 16.22 -26.70 -26.24
N VAL C 100 15.15 -26.17 -25.65
CA VAL C 100 14.90 -26.37 -24.22
C VAL C 100 13.85 -27.45 -23.92
N GLY C 101 13.31 -28.06 -24.98
CA GLY C 101 12.43 -29.20 -24.77
C GLY C 101 10.98 -28.87 -24.53
N LEU C 102 10.54 -27.69 -24.96
CA LEU C 102 9.13 -27.34 -24.92
C LEU C 102 8.48 -27.81 -26.20
N PRO C 103 7.58 -28.80 -26.12
CA PRO C 103 6.89 -29.32 -27.30
C PRO C 103 5.99 -28.27 -27.96
N LEU C 104 6.16 -28.09 -29.27
CA LEU C 104 5.31 -27.19 -30.05
C LEU C 104 4.67 -27.98 -31.19
N ILE C 105 3.48 -27.58 -31.58
CA ILE C 105 2.80 -28.15 -32.73
C ILE C 105 1.98 -27.08 -33.42
N GLU C 106 2.13 -27.01 -34.73
CA GLU C 106 1.37 -26.06 -35.54
C GLU C 106 0.10 -26.75 -35.97
N CYS C 107 -0.99 -26.01 -36.00
CA CYS C 107 -2.27 -26.57 -36.40
C CYS C 107 -3.19 -25.47 -36.89
N LYS C 108 -3.31 -25.34 -38.21
CA LYS C 108 -4.18 -24.34 -38.80
C LYS C 108 -5.61 -24.52 -38.32
N GLY C 109 -6.30 -23.43 -38.05
CA GLY C 109 -7.68 -23.49 -37.59
C GLY C 109 -7.87 -23.78 -36.12
N ILE C 110 -6.79 -24.02 -35.39
CA ILE C 110 -6.89 -24.29 -33.95
C ILE C 110 -7.57 -23.15 -33.18
N SER C 111 -7.36 -21.91 -33.62
CA SER C 111 -7.97 -20.76 -32.96
C SER C 111 -9.49 -20.76 -33.03
N GLU C 112 -10.01 -21.31 -34.12
CA GLU C 112 -11.46 -21.38 -34.35
C GLU C 112 -12.13 -22.55 -33.62
N LYS C 113 -11.36 -23.57 -33.27
CA LYS C 113 -11.95 -24.80 -32.79
C LYS C 113 -11.69 -25.08 -31.31
N VAL C 114 -10.97 -24.16 -30.65
CA VAL C 114 -10.63 -24.37 -29.25
C VAL C 114 -10.89 -23.10 -28.47
N ASN C 115 -11.54 -23.25 -27.33
CA ASN C 115 -11.80 -22.12 -26.44
C ASN C 115 -10.91 -22.22 -25.21
N GLU C 116 -10.58 -21.08 -24.61
CA GLU C 116 -9.94 -21.08 -23.29
C GLU C 116 -10.78 -21.87 -22.27
N GLY C 117 -10.12 -22.77 -21.55
CA GLY C 117 -10.81 -23.63 -20.60
C GLY C 117 -11.28 -24.96 -21.17
N ASP C 118 -11.25 -25.12 -22.49
CA ASP C 118 -11.53 -26.43 -23.06
C ASP C 118 -10.44 -27.41 -22.66
N GLU C 119 -10.76 -28.69 -22.65
CA GLU C 119 -9.80 -29.76 -22.43
C GLU C 119 -9.37 -30.38 -23.74
N LEU C 120 -8.07 -30.42 -23.99
CA LEU C 120 -7.58 -30.98 -25.24
C LEU C 120 -6.86 -32.29 -24.99
N GLU C 121 -6.93 -33.17 -25.97
CA GLU C 121 -6.05 -34.33 -26.05
C GLU C 121 -5.18 -34.16 -27.29
N VAL C 122 -3.87 -34.13 -27.09
CA VAL C 122 -2.94 -33.82 -28.17
C VAL C 122 -1.97 -34.95 -28.44
N ASN C 123 -2.07 -35.51 -29.63
CA ASN C 123 -1.13 -36.54 -30.05
C ASN C 123 0.04 -35.91 -30.77
N LEU C 124 1.18 -35.84 -30.10
CA LEU C 124 2.37 -35.20 -30.65
C LEU C 124 2.80 -35.88 -31.94
N GLU C 125 2.67 -37.20 -31.97
CA GLU C 125 3.22 -37.97 -33.07
C GLU C 125 2.34 -38.01 -34.31
N THR C 126 1.03 -37.99 -34.14
CA THR C 126 0.13 -38.03 -35.29
C THR C 126 -0.38 -36.63 -35.64
N GLY C 127 -0.22 -35.70 -34.71
CA GLY C 127 -0.70 -34.35 -34.91
C GLY C 127 -2.19 -34.23 -34.65
N GLU C 128 -2.85 -35.34 -34.31
CA GLU C 128 -4.29 -35.26 -34.10
C GLU C 128 -4.62 -34.58 -32.79
N ILE C 129 -5.62 -33.73 -32.83
CA ILE C 129 -5.98 -32.95 -31.67
C ILE C 129 -7.48 -33.05 -31.44
N LYS C 130 -7.86 -33.48 -30.24
CA LYS C 130 -9.28 -33.59 -29.96
C LYS C 130 -9.69 -32.59 -28.90
N ASN C 131 -10.66 -31.74 -29.23
CA ASN C 131 -11.29 -30.90 -28.22
C ASN C 131 -12.28 -31.79 -27.49
N LEU C 132 -11.92 -32.21 -26.29
CA LEU C 132 -12.75 -33.14 -25.53
C LEU C 132 -14.01 -32.43 -25.06
N THR C 133 -13.90 -31.12 -24.85
CA THR C 133 -15.01 -30.32 -24.36
C THR C 133 -16.11 -30.16 -25.42
N THR C 134 -15.72 -29.94 -26.67
CA THR C 134 -16.70 -29.76 -27.74
C THR C 134 -16.92 -31.01 -28.60
N GLY C 135 -15.98 -31.96 -28.54
CA GLY C 135 -16.06 -33.14 -29.39
C GLY C 135 -15.36 -33.00 -30.74
N GLU C 136 -15.07 -31.76 -31.13
CA GLU C 136 -14.39 -31.51 -32.40
C GLU C 136 -12.99 -32.11 -32.43
N VAL C 137 -12.58 -32.58 -33.61
CA VAL C 137 -11.22 -33.09 -33.77
C VAL C 137 -10.48 -32.33 -34.88
N LEU C 138 -9.23 -31.97 -34.58
CA LEU C 138 -8.38 -31.19 -35.47
C LEU C 138 -7.26 -32.08 -35.98
N LYS C 139 -6.77 -31.77 -37.18
CA LYS C 139 -5.56 -32.39 -37.70
C LYS C 139 -4.44 -31.35 -37.73
N GLY C 140 -3.53 -31.46 -36.79
CA GLY C 140 -2.37 -30.58 -36.75
C GLY C 140 -1.19 -31.23 -37.44
N GLN C 141 -0.10 -30.49 -37.57
CA GLN C 141 1.11 -31.01 -38.18
C GLN C 141 1.94 -31.79 -37.18
N LYS C 142 2.08 -33.10 -37.41
CA LYS C 142 2.83 -33.98 -36.52
C LYS C 142 4.27 -33.54 -36.32
N LEU C 143 4.85 -33.97 -35.21
CA LEU C 143 6.28 -33.82 -34.99
C LEU C 143 7.00 -35.03 -35.56
N PRO C 144 8.07 -34.78 -36.34
CA PRO C 144 8.93 -35.83 -36.91
C PRO C 144 9.47 -36.76 -35.82
N GLU C 145 9.56 -38.06 -36.15
CA GLU C 145 9.97 -39.06 -35.17
C GLU C 145 11.35 -38.75 -34.58
N PHE C 146 12.21 -38.10 -35.35
CA PHE C 146 13.53 -37.72 -34.84
C PHE C 146 13.41 -36.54 -33.87
N MET C 147 12.44 -35.67 -34.13
CA MET C 147 12.22 -34.51 -33.28
C MET C 147 11.65 -34.92 -31.90
N MET C 148 10.70 -35.86 -31.91
CA MET C 148 10.26 -36.51 -30.68
C MET C 148 11.48 -37.02 -29.89
N GLU C 149 12.39 -37.67 -30.59
CA GLU C 149 13.59 -38.21 -29.95
C GLU C 149 14.39 -37.11 -29.23
N ILE C 150 14.42 -35.92 -29.82
CA ILE C 150 15.11 -34.78 -29.20
C ILE C 150 14.38 -34.27 -27.95
N LEU C 151 13.06 -34.17 -28.04
CA LEU C 151 12.26 -33.75 -26.88
C LEU C 151 12.41 -34.80 -25.78
N GLU C 152 12.25 -36.06 -26.15
CA GLU C 152 12.42 -37.18 -25.22
C GLU C 152 13.77 -37.07 -24.50
N ALA C 153 14.73 -36.46 -25.18
CA ALA C 153 16.06 -36.28 -24.63
C ALA C 153 16.14 -35.06 -23.73
N GLY C 154 15.12 -34.20 -23.80
CA GLY C 154 15.10 -32.97 -23.03
C GLY C 154 15.53 -31.71 -23.77
N GLY C 155 15.60 -31.78 -25.09
CA GLY C 155 16.00 -30.65 -25.91
C GLY C 155 17.39 -30.82 -26.51
N LEU C 156 17.89 -29.79 -27.20
CA LEU C 156 19.21 -29.89 -27.81
C LEU C 156 20.30 -29.44 -26.87
N MET C 157 20.00 -28.48 -26.01
CA MET C 157 20.91 -28.13 -24.93
C MET C 157 21.49 -29.40 -24.30
N PRO C 158 20.66 -30.46 -24.15
CA PRO C 158 21.17 -31.77 -23.70
C PRO C 158 21.47 -32.76 -24.83
N TYR C 159 20.49 -33.07 -25.68
CA TYR C 159 20.65 -34.07 -26.75
C TYR C 159 22.04 -34.03 -27.39
N LEU C 160 22.44 -32.85 -27.84
CA LEU C 160 23.75 -32.66 -28.46
C LEU C 160 24.84 -33.02 -27.47
N LYS C 161 24.75 -32.45 -26.27
CA LYS C 161 25.75 -32.69 -25.23
C LYS C 161 25.67 -34.11 -24.65
N LYS C 162 24.71 -34.89 -25.12
CA LYS C 162 24.70 -36.32 -24.83
C LYS C 162 25.59 -37.04 -25.83
N LYS C 163 25.31 -36.82 -27.12
CA LYS C 163 26.14 -37.39 -28.17
C LYS C 163 27.58 -36.87 -28.08
N MET C 164 27.75 -35.61 -27.68
CA MET C 164 29.08 -35.04 -27.49
C MET C 164 29.74 -35.68 -26.27
N ALA C 165 30.53 -36.72 -26.52
CA ALA C 165 31.21 -37.50 -25.50
C ALA C 165 30.51 -38.84 -25.23
N GLU C 166 29.61 -39.23 -26.12
CA GLU C 166 28.94 -40.52 -26.00
C GLU C 166 28.60 -41.11 -27.37
N MET D 1 23.36 -26.71 -48.97
CA MET D 1 22.55 -27.10 -50.10
C MET D 1 21.43 -26.09 -50.31
N ARG D 2 20.33 -26.51 -50.93
CA ARG D 2 19.21 -25.59 -51.06
C ARG D 2 17.83 -26.25 -51.08
N SER D 3 16.82 -25.43 -51.40
CA SER D 3 15.42 -25.79 -51.18
C SER D 3 14.93 -26.92 -52.08
N ILE D 4 15.47 -26.98 -53.28
CA ILE D 4 15.14 -28.09 -54.17
C ILE D 4 16.35 -29.00 -54.41
N ILE D 5 16.12 -30.30 -54.22
CA ILE D 5 17.08 -31.32 -54.60
C ILE D 5 16.51 -32.03 -55.82
N LYS D 6 17.22 -31.93 -56.94
CA LYS D 6 16.77 -32.50 -58.21
C LYS D 6 17.76 -33.60 -58.62
N GLY D 7 17.26 -34.79 -58.97
CA GLY D 7 18.16 -35.85 -59.38
C GLY D 7 17.47 -37.06 -59.95
N ARG D 8 18.24 -37.96 -60.58
CA ARG D 8 17.65 -39.19 -61.09
C ARG D 8 17.68 -40.28 -60.01
N VAL D 9 16.70 -41.18 -60.07
CA VAL D 9 16.48 -42.14 -59.00
C VAL D 9 17.09 -43.51 -59.23
N TRP D 10 17.72 -44.06 -58.19
CA TRP D 10 18.05 -45.48 -58.13
C TRP D 10 17.15 -46.12 -57.08
N LYS D 11 16.54 -47.25 -57.41
CA LYS D 11 15.48 -47.75 -56.56
C LYS D 11 15.84 -49.08 -55.91
N PHE D 12 15.51 -49.23 -54.64
CA PHE D 12 15.69 -50.47 -53.90
C PHE D 12 14.40 -50.79 -53.14
N GLY D 13 14.30 -52.02 -52.65
CA GLY D 13 13.04 -52.50 -52.11
C GLY D 13 12.87 -52.36 -50.61
N ASN D 14 12.30 -53.41 -50.02
CA ASN D 14 11.90 -53.41 -48.62
C ASN D 14 12.91 -54.07 -47.69
N ASN D 15 13.03 -53.51 -46.48
CA ASN D 15 13.94 -54.06 -45.49
C ASN D 15 15.35 -54.17 -46.07
N VAL D 16 15.76 -53.17 -46.84
CA VAL D 16 17.12 -53.14 -47.38
C VAL D 16 18.07 -52.88 -46.20
N ASP D 17 18.93 -53.84 -45.89
CA ASP D 17 19.68 -53.76 -44.65
C ASP D 17 21.09 -53.18 -44.77
N THR D 18 21.77 -53.04 -43.63
CA THR D 18 23.08 -52.42 -43.61
C THR D 18 24.10 -53.21 -44.44
N ASP D 19 23.92 -54.53 -44.53
CA ASP D 19 24.78 -55.38 -45.39
C ASP D 19 24.52 -55.13 -46.88
N ALA D 20 23.29 -54.76 -47.23
CA ALA D 20 23.00 -54.38 -48.62
C ALA D 20 23.69 -53.05 -48.98
N ILE D 21 23.72 -52.13 -48.03
CA ILE D 21 24.19 -50.77 -48.28
C ILE D 21 25.73 -50.67 -48.22
N LEU D 22 26.32 -51.39 -47.28
CA LEU D 22 27.76 -51.32 -47.11
C LEU D 22 28.21 -52.62 -46.50
N PRO D 23 28.62 -53.58 -47.34
CA PRO D 23 28.97 -54.93 -46.86
C PRO D 23 30.05 -54.94 -45.76
N ALA D 24 29.96 -55.93 -44.86
CA ALA D 24 30.81 -55.98 -43.68
C ALA D 24 32.30 -56.02 -44.00
N ARG D 25 32.66 -56.56 -45.16
CA ARG D 25 34.07 -56.57 -45.52
C ARG D 25 34.68 -55.16 -45.62
N TYR D 26 33.84 -54.13 -45.83
CA TYR D 26 34.36 -52.78 -45.98
C TYR D 26 34.46 -51.99 -44.66
N LEU D 27 34.12 -52.64 -43.55
CA LEU D 27 34.23 -51.99 -42.25
C LEU D 27 35.68 -51.58 -41.94
N VAL D 28 36.62 -52.23 -42.60
CA VAL D 28 38.03 -51.89 -42.47
C VAL D 28 38.29 -50.42 -42.85
N TYR D 29 37.41 -49.83 -43.65
CA TYR D 29 37.57 -48.45 -44.09
C TYR D 29 36.72 -47.49 -43.26
N THR D 30 37.27 -46.32 -42.91
CA THR D 30 36.50 -45.35 -42.14
C THR D 30 36.30 -43.99 -42.82
N LYS D 31 36.95 -43.75 -43.95
CA LYS D 31 36.79 -42.49 -44.66
C LYS D 31 35.59 -42.49 -45.63
N PRO D 32 34.86 -41.37 -45.70
CA PRO D 32 33.74 -41.31 -46.66
C PRO D 32 34.22 -41.54 -48.09
N GLU D 33 35.42 -41.06 -48.43
CA GLU D 33 35.97 -41.21 -49.78
C GLU D 33 36.23 -42.66 -50.12
N GLU D 34 36.59 -43.44 -49.11
CA GLU D 34 36.81 -44.87 -49.34
C GLU D 34 35.48 -45.63 -49.39
N LEU D 35 34.60 -45.32 -48.45
CA LEU D 35 33.33 -46.05 -48.37
C LEU D 35 32.48 -45.81 -49.60
N ALA D 36 32.64 -44.63 -50.20
CA ALA D 36 31.87 -44.22 -51.38
C ALA D 36 31.96 -45.23 -52.51
N GLN D 37 33.07 -45.96 -52.54
CA GLN D 37 33.34 -46.90 -53.62
C GLN D 37 32.53 -48.19 -53.52
N PHE D 38 31.87 -48.39 -52.38
CA PHE D 38 31.23 -49.66 -52.12
C PHE D 38 29.75 -49.56 -51.78
N VAL D 39 29.19 -48.37 -51.96
CA VAL D 39 27.78 -48.14 -51.65
C VAL D 39 26.87 -49.10 -52.42
N MET D 40 25.92 -49.67 -51.70
CA MET D 40 24.89 -50.53 -52.27
C MET D 40 25.40 -51.84 -52.90
N THR D 41 26.67 -52.14 -52.72
CA THR D 41 27.25 -53.32 -53.38
C THR D 41 26.72 -54.66 -52.86
N GLY D 42 26.15 -54.68 -51.65
CA GLY D 42 25.46 -55.86 -51.19
C GLY D 42 24.24 -56.16 -52.06
N ALA D 43 23.52 -55.12 -52.44
CA ALA D 43 22.34 -55.28 -53.27
C ALA D 43 22.73 -55.35 -54.75
N ASP D 44 23.79 -54.63 -55.13
CA ASP D 44 24.15 -54.48 -56.55
C ASP D 44 25.63 -54.20 -56.67
N PRO D 45 26.40 -55.22 -57.02
CA PRO D 45 27.87 -55.17 -57.07
C PRO D 45 28.38 -54.09 -58.02
N ASP D 46 27.58 -53.72 -59.00
CA ASP D 46 28.02 -52.69 -59.96
C ASP D 46 27.52 -51.29 -59.61
N PHE D 47 26.78 -51.15 -58.51
CA PHE D 47 26.19 -49.84 -58.21
C PHE D 47 27.19 -48.67 -58.27
N PRO D 48 28.39 -48.84 -57.71
CA PRO D 48 29.34 -47.73 -57.76
C PRO D 48 29.73 -47.34 -59.18
N LYS D 49 29.56 -48.24 -60.14
CA LYS D 49 29.89 -47.93 -61.54
C LYS D 49 28.73 -47.18 -62.22
N LYS D 50 27.56 -47.18 -61.58
CA LYS D 50 26.37 -46.57 -62.17
C LYS D 50 26.05 -45.21 -61.53
N VAL D 51 26.14 -45.15 -60.22
CA VAL D 51 25.71 -43.95 -59.48
C VAL D 51 26.65 -42.79 -59.74
N LYS D 52 26.11 -41.58 -59.73
CA LYS D 52 26.91 -40.37 -59.81
C LYS D 52 26.48 -39.41 -58.70
N PRO D 53 27.42 -38.58 -58.20
CA PRO D 53 27.07 -37.57 -57.19
C PRO D 53 25.83 -36.79 -57.64
N GLY D 54 24.87 -36.61 -56.73
CA GLY D 54 23.65 -35.88 -57.02
C GLY D 54 22.47 -36.81 -57.21
N ASP D 55 22.74 -38.07 -57.54
CA ASP D 55 21.67 -39.03 -57.73
C ASP D 55 20.91 -39.22 -56.42
N ILE D 56 19.66 -39.66 -56.55
CA ILE D 56 18.78 -39.90 -55.43
C ILE D 56 18.53 -41.40 -55.29
N ILE D 57 18.48 -41.87 -54.06
CA ILE D 57 18.05 -43.23 -53.79
C ILE D 57 16.62 -43.25 -53.23
N VAL D 58 15.77 -44.08 -53.82
CA VAL D 58 14.43 -44.35 -53.28
C VAL D 58 14.37 -45.78 -52.75
N GLY D 59 13.90 -45.93 -51.52
CA GLY D 59 13.81 -47.22 -50.87
C GLY D 59 12.39 -47.52 -50.44
N GLY D 60 12.13 -48.78 -50.08
CA GLY D 60 10.82 -49.18 -49.59
C GLY D 60 10.75 -49.01 -48.09
N LYS D 61 10.06 -49.94 -47.40
CA LYS D 61 9.92 -49.84 -45.94
C LYS D 61 11.21 -50.19 -45.22
N ASN D 62 11.40 -49.60 -44.04
CA ASN D 62 12.45 -50.03 -43.13
C ASN D 62 13.85 -50.00 -43.75
N PHE D 63 14.14 -48.96 -44.54
CA PHE D 63 15.43 -48.83 -45.21
C PHE D 63 16.54 -48.63 -44.19
N GLY D 64 17.63 -49.36 -44.36
CA GLY D 64 18.79 -49.24 -43.49
C GLY D 64 18.71 -50.08 -42.22
N CYS D 65 17.85 -51.08 -42.23
CA CYS D 65 17.62 -51.93 -41.04
C CYS D 65 18.84 -52.80 -40.71
N GLY D 66 18.96 -53.16 -39.44
CA GLY D 66 20.18 -53.79 -38.92
C GLY D 66 20.68 -53.07 -37.68
N SER D 67 21.59 -53.71 -36.96
CA SER D 67 22.23 -53.04 -35.83
C SER D 67 23.08 -51.90 -36.39
N SER D 68 23.60 -51.03 -35.51
CA SER D 68 24.26 -49.81 -35.94
C SER D 68 25.40 -50.10 -36.91
N ARG D 69 25.38 -49.40 -38.05
CA ARG D 69 26.52 -49.40 -38.94
C ARG D 69 26.65 -48.01 -39.54
N GLU D 70 27.35 -47.13 -38.83
CA GLU D 70 27.49 -45.74 -39.28
C GLU D 70 28.17 -45.64 -40.65
N HIS D 71 29.01 -46.61 -40.98
CA HIS D 71 29.62 -46.67 -42.30
C HIS D 71 28.60 -46.61 -43.44
N ALA D 72 27.40 -47.15 -43.23
CA ALA D 72 26.41 -47.24 -44.30
C ALA D 72 25.95 -45.84 -44.77
N PRO D 73 25.38 -45.03 -43.86
CA PRO D 73 25.06 -43.67 -44.31
C PRO D 73 26.34 -42.90 -44.67
N LEU D 74 27.46 -43.23 -44.02
CA LEU D 74 28.68 -42.49 -44.34
C LEU D 74 29.07 -42.71 -45.80
N GLY D 75 28.94 -43.95 -46.27
CA GLY D 75 29.29 -44.26 -47.64
C GLY D 75 28.39 -43.54 -48.62
N LEU D 76 27.08 -43.62 -48.38
CA LEU D 76 26.12 -42.94 -49.23
C LEU D 76 26.46 -41.44 -49.29
N LYS D 77 26.80 -40.86 -48.15
CA LYS D 77 27.20 -39.46 -48.12
C LYS D 77 28.46 -39.26 -48.97
N GLY D 78 29.47 -40.08 -48.74
CA GLY D 78 30.71 -40.02 -49.50
C GLY D 78 30.51 -40.12 -51.01
N ALA D 79 29.49 -40.88 -51.41
CA ALA D 79 29.29 -41.13 -52.83
C ALA D 79 28.52 -39.98 -53.46
N GLY D 80 28.17 -38.99 -52.64
CA GLY D 80 27.44 -37.84 -53.12
C GLY D 80 25.96 -38.06 -53.35
N ILE D 81 25.38 -39.07 -52.70
CA ILE D 81 23.93 -39.25 -52.79
C ILE D 81 23.28 -37.98 -52.25
N SER D 82 22.38 -37.37 -53.02
CA SER D 82 21.83 -36.06 -52.63
C SER D 82 20.74 -36.19 -51.56
N CYS D 83 20.02 -37.30 -51.60
CA CYS D 83 19.15 -37.67 -50.49
C CYS D 83 18.58 -39.06 -50.69
N VAL D 84 18.07 -39.62 -49.59
CA VAL D 84 17.36 -40.88 -49.66
C VAL D 84 15.90 -40.64 -49.29
N ILE D 85 14.99 -41.08 -50.15
CA ILE D 85 13.57 -41.05 -49.87
C ILE D 85 13.10 -42.48 -49.69
N ALA D 86 12.42 -42.79 -48.60
CA ALA D 86 11.93 -44.13 -48.35
C ALA D 86 10.51 -44.12 -47.79
N GLU D 87 9.84 -45.26 -47.89
CA GLU D 87 8.55 -45.46 -47.24
C GLU D 87 8.74 -45.21 -45.74
N SER D 88 9.83 -45.73 -45.19
CA SER D 88 10.21 -45.48 -43.80
C SER D 88 11.68 -45.87 -43.61
N PHE D 89 12.29 -45.43 -42.52
CA PHE D 89 13.70 -45.76 -42.26
C PHE D 89 13.86 -46.50 -40.95
N ALA D 90 14.82 -47.42 -40.88
CA ALA D 90 15.20 -47.94 -39.59
C ALA D 90 15.66 -46.78 -38.73
N ARG D 91 15.30 -46.81 -37.45
CA ARG D 91 15.61 -45.73 -36.51
C ARG D 91 17.10 -45.45 -36.34
N ILE D 92 17.88 -46.52 -36.22
CA ILE D 92 19.31 -46.41 -36.01
C ILE D 92 19.99 -45.85 -37.25
N PHE D 93 19.60 -46.37 -38.42
CA PHE D 93 20.14 -45.85 -39.67
C PHE D 93 19.81 -44.37 -39.74
N TYR D 94 18.59 -44.03 -39.35
CA TYR D 94 18.09 -42.67 -39.43
C TYR D 94 18.94 -41.72 -38.58
N ARG D 95 19.19 -42.07 -37.33
CA ARG D 95 20.00 -41.17 -36.53
C ARG D 95 21.47 -41.15 -36.96
N ASN D 96 21.97 -42.27 -37.49
CA ASN D 96 23.32 -42.27 -38.03
C ASN D 96 23.45 -41.33 -39.23
N ALA D 97 22.37 -41.21 -40.00
CA ALA D 97 22.38 -40.44 -41.24
C ALA D 97 22.44 -38.95 -40.94
N ILE D 98 21.57 -38.50 -40.04
CA ILE D 98 21.62 -37.10 -39.62
C ILE D 98 23.01 -36.78 -39.03
N ASN D 99 23.59 -37.77 -38.36
CA ASN D 99 24.92 -37.61 -37.78
C ASN D 99 26.02 -37.33 -38.81
N VAL D 100 25.91 -37.93 -40.01
CA VAL D 100 26.92 -37.73 -41.03
C VAL D 100 26.48 -36.72 -42.10
N GLY D 101 25.29 -36.14 -41.93
CA GLY D 101 24.80 -35.13 -42.87
C GLY D 101 24.14 -35.66 -44.13
N LEU D 102 23.60 -36.88 -44.06
CA LEU D 102 22.88 -37.46 -45.19
C LEU D 102 21.38 -37.15 -45.13
N PRO D 103 20.90 -36.34 -46.07
CA PRO D 103 19.48 -35.95 -46.08
C PRO D 103 18.58 -37.14 -46.36
N LEU D 104 17.63 -37.35 -45.45
CA LEU D 104 16.68 -38.45 -45.51
C LEU D 104 15.30 -37.82 -45.50
N ILE D 105 14.38 -38.36 -46.30
CA ILE D 105 12.97 -37.98 -46.10
C ILE D 105 12.02 -39.17 -46.24
N GLU D 106 11.02 -39.24 -45.36
CA GLU D 106 10.01 -40.28 -45.45
C GLU D 106 8.84 -39.83 -46.33
N CYS D 107 8.30 -40.76 -47.12
CA CYS D 107 7.17 -40.46 -47.99
C CYS D 107 6.40 -41.73 -48.30
N LYS D 108 5.27 -41.93 -47.62
CA LYS D 108 4.45 -43.10 -47.88
C LYS D 108 4.10 -43.12 -49.35
N GLY D 109 4.19 -44.29 -49.95
CA GLY D 109 3.79 -44.45 -51.33
C GLY D 109 4.80 -44.09 -52.41
N ILE D 110 5.99 -43.56 -52.08
CA ILE D 110 6.92 -43.24 -53.18
C ILE D 110 7.22 -44.46 -54.03
N SER D 111 7.27 -45.63 -53.39
CA SER D 111 7.64 -46.87 -54.07
C SER D 111 6.79 -47.16 -55.29
N GLU D 112 5.48 -46.97 -55.17
CA GLU D 112 4.56 -47.28 -56.27
C GLU D 112 4.43 -46.12 -57.25
N LYS D 113 5.03 -44.99 -56.91
CA LYS D 113 4.86 -43.78 -57.71
C LYS D 113 6.14 -43.37 -58.48
N VAL D 114 7.22 -44.13 -58.33
CA VAL D 114 8.46 -43.77 -59.00
C VAL D 114 9.11 -44.98 -59.66
N ASN D 115 9.70 -44.76 -60.84
CA ASN D 115 10.52 -45.78 -61.47
C ASN D 115 11.98 -45.40 -61.32
N GLU D 116 12.85 -46.40 -61.16
CA GLU D 116 14.26 -46.14 -61.28
C GLU D 116 14.48 -45.36 -62.59
N GLY D 117 15.30 -44.31 -62.52
CA GLY D 117 15.59 -43.49 -63.69
C GLY D 117 14.75 -42.23 -63.82
N ASP D 118 13.57 -42.21 -63.21
CA ASP D 118 12.79 -40.97 -63.13
C ASP D 118 13.59 -39.87 -62.44
N GLU D 119 13.40 -38.62 -62.86
CA GLU D 119 13.95 -37.45 -62.15
C GLU D 119 12.95 -36.89 -61.16
N LEU D 120 13.41 -36.60 -59.94
CA LEU D 120 12.56 -35.99 -58.92
C LEU D 120 13.08 -34.62 -58.50
N GLU D 121 12.15 -33.77 -58.07
CA GLU D 121 12.47 -32.55 -57.34
C GLU D 121 11.99 -32.67 -55.91
N VAL D 122 12.92 -32.61 -54.97
CA VAL D 122 12.60 -32.80 -53.57
C VAL D 122 12.71 -31.47 -52.81
N ASN D 123 11.62 -31.09 -52.15
CA ASN D 123 11.65 -29.92 -51.29
C ASN D 123 11.60 -30.37 -49.83
N LEU D 124 12.77 -30.38 -49.19
CA LEU D 124 12.88 -30.87 -47.82
C LEU D 124 12.01 -30.07 -46.88
N GLU D 125 12.05 -28.75 -47.00
CA GLU D 125 11.30 -27.85 -46.12
C GLU D 125 9.81 -28.16 -46.09
N THR D 126 9.24 -28.39 -47.27
CA THR D 126 7.81 -28.59 -47.40
C THR D 126 7.45 -30.07 -47.54
N GLY D 127 8.45 -30.92 -47.72
CA GLY D 127 8.21 -32.36 -47.85
C GLY D 127 7.65 -32.72 -49.22
N GLU D 128 7.49 -31.72 -50.06
CA GLU D 128 6.92 -31.89 -51.39
C GLU D 128 7.91 -32.58 -52.32
N ILE D 129 7.43 -33.63 -52.99
CA ILE D 129 8.27 -34.40 -53.89
C ILE D 129 7.59 -34.51 -55.23
N LYS D 130 8.21 -33.93 -56.25
CA LYS D 130 7.64 -33.94 -57.59
C LYS D 130 8.38 -34.91 -58.53
N ASN D 131 7.63 -35.82 -59.13
CA ASN D 131 8.19 -36.68 -60.15
C ASN D 131 8.16 -35.93 -61.48
N LEU D 132 9.31 -35.42 -61.91
CA LEU D 132 9.37 -34.69 -63.19
C LEU D 132 8.97 -35.54 -64.39
N THR D 133 9.19 -36.84 -64.29
CA THR D 133 8.90 -37.71 -65.42
C THR D 133 7.40 -37.86 -65.60
N THR D 134 6.67 -37.95 -64.48
CA THR D 134 5.24 -38.24 -64.53
C THR D 134 4.36 -37.01 -64.31
N GLY D 135 4.93 -35.99 -63.67
CA GLY D 135 4.20 -34.78 -63.36
C GLY D 135 3.63 -34.75 -61.96
N GLU D 136 3.42 -35.93 -61.37
CA GLU D 136 2.75 -36.04 -60.07
C GLU D 136 3.58 -35.48 -58.91
N VAL D 137 2.93 -34.82 -57.96
CA VAL D 137 3.62 -34.41 -56.74
C VAL D 137 3.14 -35.24 -55.54
N LEU D 138 4.08 -35.61 -54.68
CA LEU D 138 3.80 -36.41 -53.49
C LEU D 138 4.00 -35.59 -52.23
N LYS D 139 3.40 -36.06 -51.14
CA LYS D 139 3.54 -35.39 -49.86
C LYS D 139 4.38 -36.23 -48.89
N GLY D 140 5.64 -35.86 -48.76
CA GLY D 140 6.51 -36.51 -47.80
C GLY D 140 6.50 -35.76 -46.49
N GLN D 141 6.92 -36.42 -45.43
CA GLN D 141 7.05 -35.80 -44.13
C GLN D 141 8.18 -34.76 -44.21
N LYS D 142 7.83 -33.49 -44.07
CA LYS D 142 8.81 -32.41 -44.21
C LYS D 142 9.81 -32.38 -43.07
N LEU D 143 10.95 -31.73 -43.31
CA LEU D 143 11.96 -31.56 -42.27
C LEU D 143 11.89 -30.19 -41.60
N PRO D 144 11.97 -30.19 -40.27
CA PRO D 144 12.06 -28.99 -39.44
C PRO D 144 13.31 -28.21 -39.78
N GLU D 145 13.28 -26.90 -39.54
CA GLU D 145 14.36 -26.02 -39.96
C GLU D 145 15.70 -26.30 -39.30
N PHE D 146 15.70 -26.69 -38.03
CA PHE D 146 16.96 -26.98 -37.33
C PHE D 146 17.58 -28.27 -37.86
N MET D 147 16.74 -29.11 -38.46
CA MET D 147 17.24 -30.32 -39.12
C MET D 147 17.92 -29.95 -40.43
N MET D 148 17.31 -29.03 -41.18
CA MET D 148 17.95 -28.45 -42.35
C MET D 148 19.30 -27.83 -41.99
N GLU D 149 19.36 -27.19 -40.83
CA GLU D 149 20.58 -26.52 -40.38
C GLU D 149 21.70 -27.53 -40.10
N ILE D 150 21.35 -28.59 -39.38
CA ILE D 150 22.32 -29.64 -39.09
C ILE D 150 22.89 -30.23 -40.37
N LEU D 151 22.01 -30.51 -41.33
CA LEU D 151 22.42 -31.07 -42.62
C LEU D 151 23.26 -30.07 -43.38
N GLU D 152 22.92 -28.78 -43.26
CA GLU D 152 23.70 -27.71 -43.88
C GLU D 152 25.16 -27.72 -43.37
N ALA D 153 25.34 -28.04 -42.10
CA ALA D 153 26.66 -27.99 -41.48
C ALA D 153 27.45 -29.29 -41.66
N GLY D 154 26.88 -30.23 -42.40
CA GLY D 154 27.53 -31.50 -42.65
C GLY D 154 27.17 -32.55 -41.63
N GLY D 155 26.08 -32.32 -40.92
CA GLY D 155 25.60 -33.32 -39.99
C GLY D 155 25.71 -32.92 -38.54
N LEU D 156 25.45 -33.85 -37.64
CA LEU D 156 25.36 -33.54 -36.22
C LEU D 156 26.68 -33.09 -35.63
N MET D 157 27.76 -33.83 -35.90
CA MET D 157 29.05 -33.58 -35.24
C MET D 157 30.06 -32.74 -36.01
N PRO D 158 29.92 -32.69 -37.34
CA PRO D 158 30.66 -31.64 -38.06
C PRO D 158 30.10 -30.27 -37.70
N TYR D 159 28.81 -30.26 -37.34
CA TYR D 159 28.13 -29.04 -36.94
C TYR D 159 28.47 -28.70 -35.49
N LEU D 160 28.62 -29.74 -34.67
CA LEU D 160 28.87 -29.54 -33.25
C LEU D 160 30.20 -28.81 -33.01
N LYS D 161 31.29 -29.41 -33.49
CA LYS D 161 32.61 -28.81 -33.41
C LYS D 161 32.63 -27.43 -34.08
N LYS D 162 32.41 -27.39 -35.40
CA LYS D 162 32.36 -26.13 -36.15
C LYS D 162 31.63 -25.02 -35.38
N LYS D 163 30.34 -25.25 -35.08
CA LYS D 163 29.55 -24.33 -34.27
C LYS D 163 30.24 -23.99 -32.96
N MET E 1 -21.17 39.10 16.65
CA MET E 1 -20.07 38.59 15.83
C MET E 1 -20.56 37.44 14.95
N ARG E 2 -21.39 37.78 13.99
CA ARG E 2 -22.11 36.82 13.15
C ARG E 2 -23.24 36.21 13.98
N SER E 3 -24.17 37.06 14.40
CA SER E 3 -25.35 36.60 15.13
C SER E 3 -26.29 35.94 14.12
N ILE E 4 -26.17 36.35 12.86
CA ILE E 4 -26.87 35.70 11.77
C ILE E 4 -25.87 34.87 10.99
N ILE E 5 -26.26 33.64 10.65
CA ILE E 5 -25.35 32.70 10.01
C ILE E 5 -25.95 32.12 8.73
N LYS E 6 -25.21 32.19 7.64
CA LYS E 6 -25.63 31.59 6.39
C LYS E 6 -24.63 30.53 5.95
N GLY E 7 -25.12 29.35 5.60
CA GLY E 7 -24.25 28.29 5.12
C GLY E 7 -25.03 27.14 4.53
N ARG E 8 -24.35 26.24 3.85
CA ARG E 8 -25.01 25.04 3.36
C ARG E 8 -24.95 23.97 4.45
N VAL E 9 -25.94 23.09 4.44
CA VAL E 9 -26.18 22.15 5.53
C VAL E 9 -25.58 20.78 5.25
N TRP E 10 -24.87 20.23 6.24
CA TRP E 10 -24.57 18.81 6.28
C TRP E 10 -25.50 18.15 7.30
N LYS E 11 -26.18 17.10 6.88
CA LYS E 11 -27.24 16.54 7.70
C LYS E 11 -26.86 15.20 8.31
N PHE E 12 -27.11 15.05 9.60
CA PHE E 12 -26.92 13.76 10.28
C PHE E 12 -28.18 13.38 11.08
N GLY E 13 -28.32 12.09 11.42
CA GLY E 13 -29.56 11.57 11.98
C GLY E 13 -29.76 11.63 13.49
N ASN E 14 -30.40 10.60 14.05
CA ASN E 14 -30.67 10.55 15.50
C ASN E 14 -29.62 9.84 16.36
N ASN E 15 -29.48 10.29 17.60
CA ASN E 15 -28.52 9.72 18.55
C ASN E 15 -27.14 9.62 17.91
N VAL E 16 -26.71 10.68 17.24
CA VAL E 16 -25.38 10.75 16.68
C VAL E 16 -24.41 10.91 17.86
N ASP E 17 -23.60 9.89 18.12
CA ASP E 17 -22.79 9.89 19.35
C ASP E 17 -21.40 10.53 19.20
N THR E 18 -20.71 10.66 20.32
CA THR E 18 -19.40 11.33 20.32
C THR E 18 -18.37 10.57 19.50
N ASP E 19 -18.57 9.27 19.33
CA ASP E 19 -17.68 8.48 18.51
C ASP E 19 -17.90 8.73 17.03
N ALA E 20 -19.13 9.05 16.65
CA ALA E 20 -19.40 9.38 15.26
C ALA E 20 -18.73 10.71 14.93
N ILE E 21 -18.77 11.61 15.91
CA ILE E 21 -18.31 12.98 15.74
C ILE E 21 -16.81 13.09 15.83
N LEU E 22 -16.22 12.39 16.81
CA LEU E 22 -14.77 12.47 16.97
C LEU E 22 -14.26 11.17 17.58
N PRO E 23 -13.81 10.24 16.73
CA PRO E 23 -13.39 8.89 17.15
C PRO E 23 -12.31 8.92 18.22
N ALA E 24 -12.34 7.91 19.08
CA ALA E 24 -11.51 7.87 20.29
C ALA E 24 -10.03 7.93 19.97
N ARG E 25 -9.66 7.42 18.80
CA ARG E 25 -8.25 7.36 18.45
C ARG E 25 -7.65 8.76 18.29
N TYR E 26 -8.49 9.80 18.18
CA TYR E 26 -7.99 11.17 18.04
C TYR E 26 -7.96 11.98 19.33
N LEU E 27 -8.24 11.34 20.45
CA LEU E 27 -8.21 12.04 21.72
C LEU E 27 -6.80 12.47 22.09
N VAL E 28 -5.82 11.89 21.42
CA VAL E 28 -4.43 12.25 21.64
C VAL E 28 -4.19 13.71 21.20
N TYR E 29 -5.02 14.20 20.28
CA TYR E 29 -4.93 15.60 19.87
C TYR E 29 -5.80 16.50 20.73
N THR E 30 -5.31 17.70 21.03
CA THR E 30 -6.02 18.62 21.90
C THR E 30 -6.35 19.94 21.25
N LYS E 31 -5.82 20.21 20.06
CA LYS E 31 -6.03 21.51 19.42
C LYS E 31 -7.14 21.48 18.37
N PRO E 32 -7.98 22.52 18.33
CA PRO E 32 -9.07 22.56 17.32
C PRO E 32 -8.58 22.33 15.89
N GLU E 33 -7.41 22.88 15.54
CA GLU E 33 -6.86 22.72 14.19
C GLU E 33 -6.52 21.27 13.86
N GLU E 34 -6.10 20.52 14.87
CA GLU E 34 -5.80 19.10 14.71
C GLU E 34 -7.08 18.30 14.59
N LEU E 35 -7.97 18.54 15.54
CA LEU E 35 -9.25 17.83 15.61
C LEU E 35 -10.12 18.05 14.39
N ALA E 36 -10.00 19.21 13.75
CA ALA E 36 -10.76 19.51 12.53
C ALA E 36 -10.58 18.47 11.43
N GLN E 37 -9.38 17.90 11.34
CA GLN E 37 -9.07 16.92 10.30
C GLN E 37 -9.89 15.64 10.41
N PHE E 38 -10.56 15.44 11.54
CA PHE E 38 -11.19 14.15 11.82
C PHE E 38 -12.67 14.24 12.15
N VAL E 39 -13.26 15.42 11.99
CA VAL E 39 -14.67 15.64 12.36
C VAL E 39 -15.64 14.73 11.62
N MET E 40 -16.53 14.11 12.39
CA MET E 40 -17.60 13.29 11.85
C MET E 40 -17.14 12.02 11.16
N THR E 41 -15.86 11.67 11.31
CA THR E 41 -15.31 10.52 10.56
C THR E 41 -15.82 9.17 11.07
N GLY E 42 -16.41 9.16 12.25
CA GLY E 42 -17.11 7.97 12.72
C GLY E 42 -18.38 7.72 11.90
N ALA E 43 -19.09 8.78 11.56
CA ALA E 43 -20.30 8.67 10.74
C ALA E 43 -19.98 8.66 9.24
N ASP E 44 -18.99 9.46 8.85
CA ASP E 44 -18.64 9.62 7.44
C ASP E 44 -17.12 9.85 7.32
N PRO E 45 -16.38 8.78 7.02
CA PRO E 45 -14.91 8.85 6.97
C PRO E 45 -14.39 9.89 5.98
N ASP E 46 -15.22 10.33 5.05
CA ASP E 46 -14.79 11.32 4.06
C ASP E 46 -15.26 12.74 4.38
N PHE E 47 -15.93 12.89 5.52
CA PHE E 47 -16.49 14.18 5.88
C PHE E 47 -15.49 15.37 5.84
N PRO E 48 -14.26 15.17 6.33
CA PRO E 48 -13.32 16.30 6.33
C PRO E 48 -12.97 16.77 4.92
N LYS E 49 -13.10 15.89 3.92
CA LYS E 49 -12.85 16.27 2.53
C LYS E 49 -14.00 17.12 1.96
N LYS E 50 -15.20 16.95 2.53
CA LYS E 50 -16.40 17.63 2.01
C LYS E 50 -16.70 18.97 2.67
N VAL E 51 -16.65 19.00 4.00
CA VAL E 51 -17.09 20.17 4.75
C VAL E 51 -16.21 21.36 4.43
N LYS E 52 -16.79 22.55 4.49
CA LYS E 52 -16.03 23.77 4.38
C LYS E 52 -16.33 24.70 5.55
N PRO E 53 -15.34 25.47 5.99
CA PRO E 53 -15.58 26.43 7.06
C PRO E 53 -16.79 27.30 6.73
N GLY E 54 -17.68 27.47 7.71
CA GLY E 54 -18.88 28.27 7.52
C GLY E 54 -20.12 27.41 7.27
N ASP E 55 -19.90 26.16 6.87
CA ASP E 55 -21.00 25.22 6.71
C ASP E 55 -21.71 25.00 8.04
N ILE E 56 -22.92 24.47 7.96
CA ILE E 56 -23.78 24.23 9.10
C ILE E 56 -24.08 22.75 9.17
N ILE E 57 -24.13 22.20 10.38
CA ILE E 57 -24.56 20.81 10.56
C ILE E 57 -25.95 20.80 11.16
N VAL E 58 -26.85 20.04 10.54
CA VAL E 58 -28.21 19.82 11.03
C VAL E 58 -28.33 18.38 11.55
N GLY E 59 -28.79 18.23 12.77
CA GLY E 59 -28.88 16.91 13.39
C GLY E 59 -30.28 16.55 13.90
N GLY E 60 -30.50 15.26 14.13
CA GLY E 60 -31.75 14.78 14.69
C GLY E 60 -31.82 14.96 16.19
N LYS E 61 -32.51 14.03 16.87
CA LYS E 61 -32.62 14.08 18.32
C LYS E 61 -31.33 13.63 19.01
N ASN E 62 -31.07 14.23 20.16
CA ASN E 62 -30.04 13.72 21.06
C ASN E 62 -28.65 13.79 20.46
N PHE E 63 -28.35 14.87 19.75
CA PHE E 63 -27.08 15.03 19.05
C PHE E 63 -25.93 15.16 20.07
N GLY E 64 -24.87 14.37 19.87
CA GLY E 64 -23.71 14.38 20.73
C GLY E 64 -23.82 13.52 21.98
N CYS E 65 -24.72 12.54 21.95
CA CYS E 65 -24.88 11.64 23.10
C CYS E 65 -23.61 10.84 23.40
N GLY E 66 -23.43 10.52 24.68
CA GLY E 66 -22.27 9.78 25.17
C GLY E 66 -21.69 10.46 26.39
N SER E 67 -20.75 9.80 27.07
CA SER E 67 -20.07 10.45 28.18
C SER E 67 -19.28 11.62 27.62
N SER E 68 -18.90 12.54 28.50
CA SER E 68 -18.22 13.76 28.08
C SER E 68 -17.07 13.52 27.10
N ARG E 69 -17.08 14.27 26.01
CA ARG E 69 -15.96 14.33 25.09
C ARG E 69 -15.85 15.72 24.47
N GLU E 70 -15.18 16.63 25.18
CA GLU E 70 -15.02 18.00 24.71
C GLU E 70 -14.32 18.11 23.35
N HIS E 71 -13.52 17.10 23.00
CA HIS E 71 -12.88 17.07 21.69
C HIS E 71 -13.89 17.16 20.54
N ALA E 72 -15.09 16.63 20.74
CA ALA E 72 -16.08 16.55 19.65
C ALA E 72 -16.52 17.95 19.19
N PRO E 73 -17.09 18.75 20.09
CA PRO E 73 -17.46 20.09 19.65
C PRO E 73 -16.22 20.94 19.35
N LEU E 74 -15.09 20.63 19.98
CA LEU E 74 -13.89 21.40 19.74
C LEU E 74 -13.46 21.18 18.30
N GLY E 75 -13.63 19.95 17.83
CA GLY E 75 -13.31 19.58 16.47
C GLY E 75 -14.20 20.29 15.47
N LEU E 76 -15.51 20.27 15.72
CA LEU E 76 -16.47 20.93 14.84
C LEU E 76 -16.15 22.42 14.71
N LYS E 77 -15.89 23.07 15.84
CA LYS E 77 -15.50 24.47 15.84
C LYS E 77 -14.24 24.68 14.99
N GLY E 78 -13.29 23.76 15.15
CA GLY E 78 -12.02 23.84 14.46
C GLY E 78 -12.16 23.68 12.97
N ALA E 79 -13.11 22.84 12.55
CA ALA E 79 -13.41 22.62 11.14
C ALA E 79 -14.15 23.81 10.55
N GLY E 80 -14.56 24.74 11.40
CA GLY E 80 -15.26 25.93 10.93
C GLY E 80 -16.76 25.78 10.80
N ILE E 81 -17.32 24.81 11.53
CA ILE E 81 -18.77 24.66 11.56
C ILE E 81 -19.37 25.90 12.24
N SER E 82 -20.18 26.66 11.49
CA SER E 82 -20.69 27.94 12.00
C SER E 82 -21.74 27.73 13.09
N CYS E 83 -22.51 26.66 12.98
CA CYS E 83 -23.42 26.25 14.05
C CYS E 83 -23.96 24.84 13.82
N VAL E 84 -24.46 24.25 14.89
CA VAL E 84 -25.19 22.99 14.77
C VAL E 84 -26.64 23.26 15.17
N ILE E 85 -27.57 22.85 14.32
CA ILE E 85 -28.98 22.95 14.61
C ILE E 85 -29.48 21.53 14.74
N ALA E 86 -30.27 21.25 15.76
CA ALA E 86 -30.71 19.88 15.99
C ALA E 86 -32.07 19.86 16.66
N GLU E 87 -32.81 18.77 16.43
CA GLU E 87 -34.03 18.49 17.17
C GLU E 87 -33.77 18.69 18.66
N SER E 88 -32.64 18.15 19.12
CA SER E 88 -32.23 18.28 20.53
C SER E 88 -30.80 17.79 20.70
N PHE E 89 -30.15 18.26 21.77
CA PHE E 89 -28.77 17.88 22.06
C PHE E 89 -28.66 17.06 23.36
N ALA E 90 -27.69 16.15 23.41
CA ALA E 90 -27.31 15.51 24.65
C ALA E 90 -26.83 16.61 25.59
N ARG E 91 -27.16 16.49 26.88
CA ARG E 91 -26.86 17.55 27.82
C ARG E 91 -25.36 17.81 27.97
N ILE E 92 -24.57 16.75 28.02
CA ILE E 92 -23.14 16.93 28.18
C ILE E 92 -22.53 17.61 26.95
N PHE E 93 -22.83 17.10 25.75
CA PHE E 93 -22.38 17.75 24.52
C PHE E 93 -22.72 19.25 24.53
N TYR E 94 -23.94 19.56 24.95
CA TYR E 94 -24.40 20.95 24.94
C TYR E 94 -23.50 21.82 25.83
N ARG E 95 -23.25 21.36 27.05
CA ARG E 95 -22.32 22.04 27.96
C ARG E 95 -20.91 22.16 27.37
N ASN E 96 -20.44 21.09 26.74
CA ASN E 96 -19.11 21.09 26.14
C ASN E 96 -19.01 22.13 25.02
N ALA E 97 -20.09 22.27 24.26
CA ALA E 97 -20.12 23.20 23.15
C ALA E 97 -20.02 24.66 23.59
N ILE E 98 -20.73 25.05 24.65
CA ILE E 98 -20.57 26.45 25.12
C ILE E 98 -19.19 26.66 25.70
N ASN E 99 -18.66 25.64 26.39
CA ASN E 99 -17.32 25.75 26.97
C ASN E 99 -16.31 26.16 25.91
N VAL E 100 -16.45 25.60 24.70
CA VAL E 100 -15.47 25.83 23.63
C VAL E 100 -15.97 26.82 22.58
N GLY E 101 -17.18 27.34 22.77
CA GLY E 101 -17.71 28.37 21.89
C GLY E 101 -18.31 27.91 20.57
N LEU E 102 -18.77 26.67 20.50
CA LEU E 102 -19.47 26.21 19.30
C LEU E 102 -20.94 26.56 19.42
N PRO E 103 -21.47 27.39 18.50
CA PRO E 103 -22.86 27.79 18.69
C PRO E 103 -23.80 26.63 18.41
N LEU E 104 -24.77 26.45 19.29
CA LEU E 104 -25.74 25.38 19.19
C LEU E 104 -27.13 25.98 19.25
N ILE E 105 -28.03 25.51 18.39
CA ILE E 105 -29.41 25.92 18.48
C ILE E 105 -30.41 24.77 18.27
N GLU E 106 -31.38 24.68 19.18
CA GLU E 106 -32.43 23.66 19.11
C GLU E 106 -33.61 24.12 18.28
N CYS E 107 -34.11 23.26 17.41
CA CYS E 107 -35.25 23.61 16.59
C CYS E 107 -36.10 22.38 16.27
N LYS E 108 -37.21 22.23 17.00
CA LYS E 108 -38.08 21.08 16.79
C LYS E 108 -38.56 21.06 15.33
N GLY E 109 -38.52 19.88 14.71
CA GLY E 109 -38.99 19.73 13.34
C GLY E 109 -37.95 19.96 12.25
N ILE E 110 -36.79 20.50 12.63
CA ILE E 110 -35.72 20.81 11.67
C ILE E 110 -35.39 19.65 10.72
N SER E 111 -35.33 18.43 11.25
CA SER E 111 -34.99 17.28 10.43
C SER E 111 -35.87 17.16 9.19
N GLU E 112 -37.18 17.28 9.39
CA GLU E 112 -38.13 17.09 8.29
C GLU E 112 -38.20 18.30 7.33
N LYS E 113 -37.65 19.44 7.74
CA LYS E 113 -37.78 20.66 6.95
C LYS E 113 -36.48 21.14 6.28
N VAL E 114 -35.44 20.32 6.32
CA VAL E 114 -34.19 20.70 5.70
C VAL E 114 -33.56 19.51 4.99
N ASN E 115 -33.02 19.77 3.81
CA ASN E 115 -32.28 18.75 3.05
C ASN E 115 -30.80 19.08 3.13
N GLU E 116 -29.96 18.04 3.11
CA GLU E 116 -28.53 18.25 3.04
C GLU E 116 -28.27 19.03 1.76
N GLY E 117 -27.52 20.13 1.86
CA GLY E 117 -27.25 20.93 0.69
C GLY E 117 -28.10 22.20 0.63
N ASP E 118 -29.19 22.20 1.38
CA ASP E 118 -29.98 23.42 1.51
C ASP E 118 -29.11 24.50 2.15
N GLU E 119 -29.39 25.76 1.84
CA GLU E 119 -28.73 26.86 2.52
C GLU E 119 -29.66 27.44 3.57
N LEU E 120 -29.12 27.75 4.74
CA LEU E 120 -29.92 28.29 5.82
C LEU E 120 -29.33 29.60 6.34
N GLU E 121 -30.20 30.41 6.94
CA GLU E 121 -29.77 31.59 7.66
C GLU E 121 -30.24 31.48 9.11
N VAL E 122 -29.29 31.53 10.04
CA VAL E 122 -29.61 31.32 11.45
C VAL E 122 -29.46 32.61 12.25
N ASN E 123 -30.54 33.04 12.90
CA ASN E 123 -30.46 34.15 13.83
C ASN E 123 -30.45 33.59 15.24
N LEU E 124 -29.25 33.53 15.84
CA LEU E 124 -29.09 33.01 17.19
C LEU E 124 -29.92 33.79 18.21
N GLU E 125 -29.95 35.12 18.04
CA GLU E 125 -30.60 35.99 19.00
C GLU E 125 -32.12 35.92 18.93
N THR E 126 -32.65 35.54 17.78
CA THR E 126 -34.10 35.46 17.62
C THR E 126 -34.61 34.03 17.52
N GLY E 127 -33.74 33.11 17.13
CA GLY E 127 -34.16 31.73 16.94
C GLY E 127 -34.74 31.51 15.56
N GLU E 128 -34.88 32.57 14.79
CA GLU E 128 -35.35 32.47 13.41
C GLU E 128 -34.39 31.65 12.58
N ILE E 129 -34.93 30.70 11.82
CA ILE E 129 -34.14 29.93 10.87
C ILE E 129 -34.80 29.91 9.51
N LYS E 130 -34.21 30.58 8.53
CA LYS E 130 -34.76 30.61 7.18
C LYS E 130 -34.12 29.52 6.35
N ASN E 131 -34.93 28.66 5.74
CA ASN E 131 -34.41 27.77 4.71
C ASN E 131 -34.41 28.54 3.40
N LEU E 132 -33.24 29.05 3.03
CA LEU E 132 -33.12 29.93 1.88
C LEU E 132 -33.49 29.24 0.58
N THR E 133 -33.29 27.93 0.49
CA THR E 133 -33.61 27.24 -0.76
C THR E 133 -35.08 26.85 -0.88
N THR E 134 -35.74 26.71 0.26
CA THR E 134 -37.14 26.30 0.30
C THR E 134 -38.08 27.49 0.50
N GLY E 135 -37.54 28.55 1.08
CA GLY E 135 -38.31 29.75 1.37
C GLY E 135 -38.98 29.68 2.72
N GLU E 136 -39.16 28.47 3.24
CA GLU E 136 -39.84 28.28 4.52
C GLU E 136 -39.04 28.85 5.68
N VAL E 137 -39.75 29.26 6.73
CA VAL E 137 -39.11 29.82 7.92
C VAL E 137 -39.43 28.98 9.16
N LEU E 138 -38.40 28.70 9.96
CA LEU E 138 -38.54 27.86 11.15
C LEU E 138 -38.31 28.65 12.42
N LYS E 139 -39.00 28.24 13.48
CA LYS E 139 -38.82 28.86 14.79
C LYS E 139 -38.05 27.97 15.75
N GLY E 140 -36.77 28.28 15.92
CA GLY E 140 -35.94 27.56 16.85
C GLY E 140 -35.86 28.30 18.17
N GLN E 141 -35.20 27.69 19.14
CA GLN E 141 -35.06 28.27 20.47
C GLN E 141 -33.92 29.29 20.45
N LYS E 142 -34.24 30.54 20.79
CA LYS E 142 -33.23 31.60 20.76
C LYS E 142 -32.24 31.48 21.92
N LEU E 143 -31.02 31.98 21.70
CA LEU E 143 -30.02 31.94 22.77
C LEU E 143 -30.19 33.16 23.67
N PRO E 144 -30.25 32.92 24.99
CA PRO E 144 -30.28 34.01 25.99
C PRO E 144 -29.12 34.97 25.81
N GLU E 145 -29.31 36.21 26.25
CA GLU E 145 -28.32 37.26 26.07
C GLU E 145 -26.97 36.90 26.69
N PHE E 146 -26.99 36.32 27.88
CA PHE E 146 -25.76 35.98 28.56
C PHE E 146 -24.97 34.94 27.78
N MET E 147 -25.69 34.04 27.12
CA MET E 147 -25.08 32.97 26.34
C MET E 147 -24.40 33.52 25.08
N MET E 148 -25.07 34.46 24.42
CA MET E 148 -24.47 35.21 23.31
C MET E 148 -23.18 35.89 23.75
N GLU E 149 -23.22 36.54 24.92
CA GLU E 149 -22.06 37.22 25.48
C GLU E 149 -20.89 36.24 25.62
N ILE E 150 -21.20 35.02 26.09
CA ILE E 150 -20.20 33.97 26.26
C ILE E 150 -19.64 33.49 24.91
N LEU E 151 -20.53 33.27 23.95
CA LEU E 151 -20.12 32.90 22.58
C LEU E 151 -19.21 33.97 21.99
N GLU E 152 -19.57 35.24 22.19
CA GLU E 152 -18.76 36.35 21.73
C GLU E 152 -17.35 36.27 22.32
N ALA E 153 -17.24 35.77 23.55
CA ALA E 153 -15.95 35.68 24.22
C ALA E 153 -15.14 34.45 23.80
N GLY E 154 -15.76 33.58 23.00
CA GLY E 154 -15.09 32.39 22.50
C GLY E 154 -15.46 31.11 23.24
N GLY E 155 -16.39 31.23 24.17
CA GLY E 155 -16.81 30.10 24.98
C GLY E 155 -16.73 30.41 26.46
N LEU E 156 -17.35 29.55 27.27
CA LEU E 156 -17.37 29.72 28.71
C LEU E 156 -15.95 29.63 29.27
N MET E 157 -15.16 28.73 28.69
CA MET E 157 -13.78 28.55 29.08
C MET E 157 -12.97 29.86 29.03
N PRO E 158 -12.84 30.47 27.83
CA PRO E 158 -12.08 31.73 27.76
C PRO E 158 -12.84 32.91 28.40
N TYR E 159 -14.16 32.89 28.36
CA TYR E 159 -14.96 33.94 28.97
C TYR E 159 -14.72 34.04 30.47
N LEU E 160 -14.53 32.88 31.11
CA LEU E 160 -14.30 32.85 32.54
C LEU E 160 -12.88 33.30 32.88
N LYS E 161 -11.87 32.79 32.17
CA LYS E 161 -10.50 33.22 32.45
C LYS E 161 -10.29 34.70 32.18
N LYS E 162 -11.17 35.29 31.37
CA LYS E 162 -11.11 36.72 31.10
C LYS E 162 -11.63 37.48 32.32
N LYS E 163 -12.63 36.90 32.98
CA LYS E 163 -13.18 37.47 34.21
C LYS E 163 -12.24 37.19 35.39
N MET E 164 -11.30 36.28 35.18
CA MET E 164 -10.34 35.88 36.22
C MET E 164 -8.91 36.24 35.82
N ALA E 165 -8.71 37.48 35.40
CA ALA E 165 -7.37 37.97 35.06
C ALA E 165 -7.33 39.49 35.07
N MET F 1 -30.78 26.40 45.29
CA MET F 1 -32.18 26.71 44.99
C MET F 1 -32.84 25.57 44.24
N ARG F 2 -34.17 25.65 44.10
CA ARG F 2 -34.90 24.66 43.32
C ARG F 2 -35.28 25.21 41.96
N SER F 3 -35.48 24.31 41.00
CA SER F 3 -35.74 24.68 39.61
C SER F 3 -37.15 25.19 39.41
N ILE F 4 -38.10 24.74 40.23
CA ILE F 4 -39.46 25.26 40.14
C ILE F 4 -39.72 26.28 41.26
N ILE F 5 -40.40 27.36 40.90
CA ILE F 5 -40.68 28.46 41.83
C ILE F 5 -42.17 28.70 41.91
N LYS F 6 -42.72 28.76 43.12
CA LYS F 6 -44.12 29.08 43.32
C LYS F 6 -44.28 30.27 44.27
N GLY F 7 -45.09 31.26 43.87
CA GLY F 7 -45.36 32.38 44.74
C GLY F 7 -46.39 33.33 44.16
N ARG F 8 -46.80 34.32 44.94
CA ARG F 8 -47.75 35.31 44.45
C ARG F 8 -47.05 36.48 43.77
N VAL F 9 -47.77 37.14 42.87
CA VAL F 9 -47.22 38.14 41.97
C VAL F 9 -47.40 39.57 42.47
N TRP F 10 -46.33 40.35 42.43
CA TRP F 10 -46.42 41.80 42.50
C TRP F 10 -46.14 42.35 41.09
N LYS F 11 -47.02 43.23 40.63
CA LYS F 11 -47.02 43.61 39.22
C LYS F 11 -46.59 45.05 39.00
N PHE F 12 -45.70 45.25 38.03
CA PHE F 12 -45.31 46.61 37.62
C PHE F 12 -45.37 46.78 36.10
N GLY F 13 -45.32 48.03 35.64
CA GLY F 13 -45.57 48.36 34.23
C GLY F 13 -44.36 48.37 33.30
N ASN F 14 -44.41 49.28 32.33
CA ASN F 14 -43.38 49.37 31.31
C ASN F 14 -42.26 50.34 31.63
N ASN F 15 -41.04 50.01 31.22
CA ASN F 15 -39.88 50.88 31.43
C ASN F 15 -39.70 51.27 32.90
N VAL F 16 -39.87 50.29 33.79
CA VAL F 16 -39.69 50.53 35.22
C VAL F 16 -38.19 50.67 35.44
N ASP F 17 -37.76 51.86 35.85
CA ASP F 17 -36.32 52.14 35.85
C ASP F 17 -35.62 51.88 37.19
N THR F 18 -34.30 52.06 37.19
CA THR F 18 -33.50 51.73 38.36
C THR F 18 -33.88 52.57 39.55
N ASP F 19 -34.36 53.79 39.29
CA ASP F 19 -34.84 54.67 40.35
C ASP F 19 -36.15 54.18 40.99
N ALA F 20 -36.97 53.49 40.22
CA ALA F 20 -38.19 52.90 40.79
C ALA F 20 -37.82 51.75 41.72
N ILE F 21 -36.84 50.97 41.29
CA ILE F 21 -36.49 49.73 41.96
C ILE F 21 -35.64 49.97 43.22
N LEU F 22 -34.70 50.90 43.14
CA LEU F 22 -33.84 51.21 44.27
C LEU F 22 -33.43 52.69 44.19
N PRO F 23 -34.15 53.56 44.90
CA PRO F 23 -33.88 55.00 44.87
C PRO F 23 -32.43 55.33 45.23
N ALA F 24 -31.93 56.37 44.58
CA ALA F 24 -30.52 56.76 44.64
C ALA F 24 -30.05 57.05 46.05
N ARG F 25 -30.95 57.52 46.92
CA ARG F 25 -30.54 57.83 48.29
C ARG F 25 -30.06 56.58 49.07
N TYR F 26 -30.32 55.39 48.53
CA TYR F 26 -29.98 54.16 49.25
C TYR F 26 -28.70 53.51 48.76
N LEU F 27 -28.03 54.18 47.83
CA LEU F 27 -26.79 53.67 47.26
C LEU F 27 -25.71 53.60 48.32
N VAL F 28 -25.90 54.33 49.42
CA VAL F 28 -24.96 54.29 50.54
C VAL F 28 -24.85 52.87 51.16
N TYR F 29 -25.93 52.09 51.03
CA TYR F 29 -25.92 50.70 51.48
C TYR F 29 -25.46 49.75 50.40
N THR F 30 -24.58 48.82 50.76
CA THR F 30 -24.09 47.84 49.80
C THR F 30 -24.50 46.41 50.10
N LYS F 31 -25.07 46.15 51.28
CA LYS F 31 -25.51 44.81 51.64
C LYS F 31 -26.94 44.51 51.17
N PRO F 32 -27.16 43.32 50.61
CA PRO F 32 -28.51 42.94 50.17
C PRO F 32 -29.54 43.01 51.30
N GLU F 33 -29.16 42.59 52.51
CA GLU F 33 -30.02 42.71 53.69
C GLU F 33 -30.45 44.17 53.95
N GLU F 34 -29.57 45.12 53.64
CA GLU F 34 -29.90 46.53 53.84
C GLU F 34 -30.79 47.01 52.70
N LEU F 35 -30.37 46.68 51.48
CA LEU F 35 -31.07 47.11 50.27
C LEU F 35 -32.47 46.51 50.22
N ALA F 36 -32.62 45.33 50.82
CA ALA F 36 -33.91 44.64 50.87
C ALA F 36 -34.99 45.54 51.46
N GLN F 37 -34.60 46.44 52.37
CA GLN F 37 -35.55 47.30 53.08
C GLN F 37 -36.23 48.32 52.19
N PHE F 38 -35.72 48.52 50.99
CA PHE F 38 -36.09 49.69 50.18
C PHE F 38 -36.53 49.33 48.76
N VAL F 39 -36.74 48.05 48.51
CA VAL F 39 -37.05 47.59 47.16
C VAL F 39 -38.34 48.21 46.63
N MET F 40 -38.27 48.71 45.40
CA MET F 40 -39.42 49.21 44.65
C MET F 40 -40.02 50.47 45.25
N THR F 41 -39.36 51.06 46.24
CA THR F 41 -39.90 52.23 46.93
C THR F 41 -39.98 53.48 46.05
N GLY F 42 -39.27 53.47 44.93
CA GLY F 42 -39.41 54.53 43.95
C GLY F 42 -40.81 54.46 43.35
N ALA F 43 -41.30 53.24 43.10
CA ALA F 43 -42.61 53.05 42.49
C ALA F 43 -43.76 52.87 43.49
N ASP F 44 -43.45 52.33 44.66
CA ASP F 44 -44.43 52.12 45.71
C ASP F 44 -43.71 52.19 47.05
N PRO F 45 -43.83 53.33 47.74
CA PRO F 45 -43.11 53.57 49.00
C PRO F 45 -43.46 52.53 50.05
N ASP F 46 -44.56 51.80 49.88
CA ASP F 46 -44.96 50.80 50.88
C ASP F 46 -44.57 49.39 50.48
N PHE F 47 -43.98 49.23 49.30
CA PHE F 47 -43.66 47.88 48.85
C PHE F 47 -42.94 46.99 49.87
N PRO F 48 -41.89 47.51 50.54
CA PRO F 48 -41.17 46.66 51.49
C PRO F 48 -42.08 46.11 52.59
N LYS F 49 -43.17 46.81 52.87
CA LYS F 49 -44.12 46.39 53.90
C LYS F 49 -45.16 45.38 53.39
N LYS F 50 -45.16 45.13 52.08
CA LYS F 50 -46.14 44.22 51.49
C LYS F 50 -45.47 42.93 51.01
N VAL F 51 -44.29 43.07 50.43
CA VAL F 51 -43.63 41.93 49.81
C VAL F 51 -43.20 40.93 50.88
N LYS F 52 -43.20 39.64 50.52
CA LYS F 52 -42.68 38.57 51.38
C LYS F 52 -41.65 37.72 50.64
N PRO F 53 -40.63 37.24 51.35
CA PRO F 53 -39.67 36.36 50.68
C PRO F 53 -40.40 35.24 49.93
N GLY F 54 -39.99 34.99 48.70
CA GLY F 54 -40.64 34.00 47.86
C GLY F 54 -41.58 34.59 46.81
N ASP F 55 -42.12 35.78 47.09
CA ASP F 55 -42.96 36.47 46.12
C ASP F 55 -42.25 36.68 44.78
N ILE F 56 -43.05 36.79 43.73
CA ILE F 56 -42.55 36.98 42.40
C ILE F 56 -42.91 38.38 41.92
N ILE F 57 -42.04 38.98 41.10
CA ILE F 57 -42.39 40.24 40.47
C ILE F 57 -42.65 40.02 39.00
N VAL F 58 -43.73 40.61 38.51
CA VAL F 58 -44.06 40.59 37.09
C VAL F 58 -43.97 41.99 36.51
N GLY F 59 -43.20 42.14 35.43
CA GLY F 59 -43.04 43.43 34.81
C GLY F 59 -43.39 43.51 33.33
N GLY F 60 -43.51 44.74 32.82
CA GLY F 60 -43.74 44.95 31.41
C GLY F 60 -42.45 44.94 30.63
N LYS F 61 -42.38 45.79 29.61
CA LYS F 61 -41.21 45.83 28.75
C LYS F 61 -40.07 46.63 29.37
N ASN F 62 -38.85 46.23 29.05
CA ASN F 62 -37.69 47.03 29.35
C ASN F 62 -37.56 47.25 30.87
N PHE F 63 -37.77 46.18 31.63
CA PHE F 63 -37.71 46.26 33.10
C PHE F 63 -36.27 46.47 33.55
N GLY F 64 -36.06 47.45 34.42
CA GLY F 64 -34.72 47.70 34.96
C GLY F 64 -33.92 48.72 34.18
N CYS F 65 -34.58 49.47 33.30
CA CYS F 65 -33.86 50.38 32.41
C CYS F 65 -33.13 51.49 33.16
N GLY F 66 -32.03 51.96 32.58
CA GLY F 66 -31.22 52.99 33.21
C GLY F 66 -29.76 52.62 33.15
N SER F 67 -28.90 53.55 33.54
CA SER F 67 -27.48 53.26 33.63
C SER F 67 -27.28 52.19 34.73
N SER F 68 -26.10 51.60 34.78
CA SER F 68 -25.89 50.48 35.68
C SER F 68 -26.23 50.83 37.13
N ARG F 69 -27.03 49.99 37.75
CA ARG F 69 -27.22 50.08 39.19
C ARG F 69 -27.36 48.69 39.78
N GLU F 70 -26.23 48.07 40.11
CA GLU F 70 -26.26 46.72 40.66
C GLU F 70 -27.06 46.62 41.96
N HIS F 71 -27.16 47.72 42.70
CA HIS F 71 -27.99 47.77 43.90
C HIS F 71 -29.45 47.33 43.64
N ALA F 72 -29.94 47.55 42.43
CA ALA F 72 -31.35 47.28 42.12
C ALA F 72 -31.70 45.78 42.19
N PRO F 73 -31.02 44.95 41.37
CA PRO F 73 -31.27 43.50 41.50
C PRO F 73 -30.71 42.91 42.81
N LEU F 74 -29.66 43.51 43.35
CA LEU F 74 -29.14 43.09 44.66
C LEU F 74 -30.24 43.25 45.72
N GLY F 75 -30.91 44.40 45.71
CA GLY F 75 -31.98 44.66 46.66
C GLY F 75 -33.13 43.69 46.50
N LEU F 76 -33.55 43.47 45.26
CA LEU F 76 -34.62 42.52 44.98
C LEU F 76 -34.27 41.14 45.52
N LYS F 77 -33.02 40.71 45.29
CA LYS F 77 -32.57 39.41 45.78
C LYS F 77 -32.57 39.40 47.31
N GLY F 78 -32.09 40.49 47.90
CA GLY F 78 -32.07 40.62 49.35
C GLY F 78 -33.46 40.48 49.96
N ALA F 79 -34.47 41.04 49.28
CA ALA F 79 -35.82 41.01 49.79
C ALA F 79 -36.43 39.64 49.53
N GLY F 80 -35.64 38.73 48.98
CA GLY F 80 -36.10 37.37 48.74
C GLY F 80 -37.10 37.21 47.61
N ILE F 81 -37.15 38.20 46.71
CA ILE F 81 -37.89 38.04 45.47
C ILE F 81 -37.41 36.80 44.76
N SER F 82 -38.32 35.86 44.50
CA SER F 82 -37.91 34.55 44.00
C SER F 82 -37.46 34.60 42.55
N CYS F 83 -38.15 35.43 41.77
CA CYS F 83 -37.72 35.71 40.41
C CYS F 83 -38.50 36.89 39.85
N VAL F 84 -37.99 37.45 38.76
CA VAL F 84 -38.70 38.48 38.03
C VAL F 84 -39.04 37.95 36.64
N ILE F 85 -40.33 37.99 36.31
CA ILE F 85 -40.79 37.59 34.99
C ILE F 85 -41.24 38.87 34.31
N ALA F 86 -40.72 39.13 33.10
CA ALA F 86 -41.05 40.36 32.40
C ALA F 86 -41.15 40.15 30.88
N GLU F 87 -41.80 41.09 30.21
CA GLU F 87 -41.87 41.12 28.74
C GLU F 87 -40.45 41.15 28.17
N SER F 88 -39.62 42.04 28.74
CA SER F 88 -38.20 42.11 28.38
C SER F 88 -37.48 42.86 29.48
N PHE F 89 -36.16 42.71 29.52
CA PHE F 89 -35.33 43.40 30.51
C PHE F 89 -34.33 44.34 29.82
N ALA F 90 -34.06 45.48 30.45
CA ALA F 90 -32.95 46.33 30.03
C ALA F 90 -31.66 45.51 30.13
N ARG F 91 -30.76 45.71 29.16
CA ARG F 91 -29.55 44.89 29.06
C ARG F 91 -28.68 44.94 30.30
N ILE F 92 -28.47 46.15 30.82
CA ILE F 92 -27.59 46.35 31.96
C ILE F 92 -28.18 45.74 33.24
N PHE F 93 -29.45 46.02 33.51
CA PHE F 93 -30.11 45.35 34.62
C PHE F 93 -29.92 43.82 34.54
N TYR F 94 -30.11 43.27 33.35
CA TYR F 94 -30.00 41.83 33.12
C TYR F 94 -28.60 41.29 33.49
N ARG F 95 -27.56 41.96 33.01
CA ARG F 95 -26.20 41.54 33.33
C ARG F 95 -25.95 41.65 34.83
N ASN F 96 -26.46 42.71 35.45
CA ASN F 96 -26.34 42.86 36.89
C ASN F 96 -27.02 41.75 37.69
N ALA F 97 -28.22 41.37 37.26
CA ALA F 97 -28.96 40.27 37.87
C ALA F 97 -28.22 38.92 37.81
N ILE F 98 -27.53 38.68 36.70
CA ILE F 98 -26.71 37.47 36.59
C ILE F 98 -25.52 37.51 37.54
N ASN F 99 -24.86 38.67 37.65
CA ASN F 99 -23.78 38.86 38.61
C ASN F 99 -24.18 38.56 40.05
N VAL F 100 -25.39 38.99 40.44
CA VAL F 100 -25.83 38.84 41.83
C VAL F 100 -26.78 37.66 42.08
N GLY F 101 -27.12 36.95 41.02
CA GLY F 101 -27.90 35.73 41.14
C GLY F 101 -29.38 35.92 41.37
N LEU F 102 -29.96 36.92 40.74
CA LEU F 102 -31.41 37.11 40.75
C LEU F 102 -32.00 36.44 39.52
N PRO F 103 -32.87 35.43 39.71
CA PRO F 103 -33.47 34.76 38.56
C PRO F 103 -34.35 35.70 37.75
N LEU F 104 -34.08 35.73 36.46
CA LEU F 104 -34.83 36.55 35.51
C LEU F 104 -35.39 35.60 34.46
N ILE F 105 -36.69 35.73 34.17
CA ILE F 105 -37.26 34.97 33.06
C ILE F 105 -38.06 35.85 32.11
N GLU F 106 -37.68 35.83 30.85
CA GLU F 106 -38.39 36.58 29.83
C GLU F 106 -39.61 35.80 29.35
N CYS F 107 -40.75 36.47 29.24
CA CYS F 107 -41.97 35.81 28.77
C CYS F 107 -42.90 36.81 28.11
N LYS F 108 -42.90 36.86 26.78
CA LYS F 108 -43.76 37.80 26.09
C LYS F 108 -45.19 37.46 26.41
N GLY F 109 -46.01 38.49 26.62
CA GLY F 109 -47.41 38.30 26.95
C GLY F 109 -47.71 38.18 28.44
N ILE F 110 -46.67 37.97 29.24
CA ILE F 110 -46.84 37.76 30.68
C ILE F 110 -47.70 38.87 31.28
N SER F 111 -47.53 40.08 30.76
CA SER F 111 -48.18 41.28 31.28
C SER F 111 -49.72 41.21 31.26
N GLU F 112 -50.30 40.83 30.13
CA GLU F 112 -51.75 40.85 30.01
C GLU F 112 -52.40 39.58 30.58
N LYS F 113 -51.60 38.59 30.95
CA LYS F 113 -52.12 37.31 31.39
C LYS F 113 -51.94 37.02 32.88
N VAL F 114 -51.48 38.02 33.63
CA VAL F 114 -51.29 37.87 35.08
C VAL F 114 -51.86 39.09 35.80
N ASN F 115 -52.66 38.83 36.82
CA ASN F 115 -53.08 39.89 37.74
C ASN F 115 -52.14 39.93 38.92
N GLU F 116 -51.91 41.12 39.47
CA GLU F 116 -51.24 41.23 40.75
C GLU F 116 -52.02 40.36 41.73
N GLY F 117 -51.32 39.49 42.44
CA GLY F 117 -51.97 38.61 43.40
C GLY F 117 -52.14 37.17 42.94
N ASP F 118 -52.05 36.92 41.64
CA ASP F 118 -52.09 35.56 41.14
C ASP F 118 -50.90 34.75 41.66
N GLU F 119 -51.09 33.44 41.80
CA GLU F 119 -50.01 32.53 42.14
C GLU F 119 -49.45 31.90 40.87
N LEU F 120 -48.13 31.89 40.75
CA LEU F 120 -47.49 31.27 39.61
C LEU F 120 -46.61 30.09 40.03
N GLU F 121 -46.50 29.11 39.13
CA GLU F 121 -45.58 28.00 39.26
C GLU F 121 -44.62 28.14 38.08
N VAL F 122 -43.36 28.40 38.38
CA VAL F 122 -42.38 28.71 37.34
C VAL F 122 -41.27 27.66 37.26
N ASN F 123 -41.18 27.00 36.12
CA ASN F 123 -40.07 26.09 35.84
C ASN F 123 -38.95 26.83 35.12
N LEU F 124 -37.91 27.22 35.86
CA LEU F 124 -36.78 27.93 35.28
C LEU F 124 -36.15 27.13 34.15
N GLU F 125 -35.88 25.85 34.43
CA GLU F 125 -35.24 24.96 33.47
C GLU F 125 -35.94 24.93 32.11
N THR F 126 -37.28 24.96 32.11
CA THR F 126 -38.05 24.84 30.87
C THR F 126 -38.74 26.12 30.43
N GLY F 127 -38.81 27.11 31.31
CA GLY F 127 -39.50 28.33 31.00
C GLY F 127 -41.00 28.19 31.09
N GLU F 128 -41.47 27.01 31.46
CA GLU F 128 -42.92 26.82 31.61
C GLU F 128 -43.44 27.53 32.86
N ILE F 129 -44.43 28.40 32.65
CA ILE F 129 -45.00 29.21 33.72
C ILE F 129 -46.50 28.93 33.85
N LYS F 130 -46.89 28.30 34.95
CA LYS F 130 -48.30 28.00 35.17
C LYS F 130 -48.92 29.07 36.05
N ASN F 131 -50.04 29.63 35.59
CA ASN F 131 -50.83 30.54 36.40
C ASN F 131 -51.81 29.70 37.20
N LEU F 132 -51.43 29.37 38.43
CA LEU F 132 -52.26 28.50 39.27
C LEU F 132 -53.64 29.09 39.53
N THR F 133 -53.76 30.41 39.45
CA THR F 133 -55.01 31.08 39.75
C THR F 133 -56.03 30.96 38.61
N THR F 134 -55.56 30.99 37.36
CA THR F 134 -56.46 31.02 36.23
C THR F 134 -56.40 29.73 35.41
N GLY F 135 -55.38 28.93 35.66
CA GLY F 135 -55.16 27.71 34.89
C GLY F 135 -54.27 27.85 33.67
N GLU F 136 -54.21 29.04 33.09
CA GLU F 136 -53.49 29.24 31.82
C GLU F 136 -52.00 28.91 31.96
N VAL F 137 -51.40 28.39 30.90
CA VAL F 137 -49.97 28.10 30.90
C VAL F 137 -49.24 29.03 29.93
N LEU F 138 -48.05 29.49 30.32
CA LEU F 138 -47.27 30.39 29.47
C LEU F 138 -45.92 29.78 29.17
N LYS F 139 -45.48 29.95 27.94
CA LYS F 139 -44.13 29.52 27.58
C LYS F 139 -43.17 30.71 27.64
N GLY F 140 -42.29 30.70 28.63
CA GLY F 140 -41.24 31.69 28.72
C GLY F 140 -39.90 31.12 28.30
N GLN F 141 -38.86 31.95 28.34
CA GLN F 141 -37.52 31.53 27.95
C GLN F 141 -36.88 30.63 29.02
N LYS F 142 -36.43 29.44 28.63
CA LYS F 142 -35.79 28.56 29.59
C LYS F 142 -34.38 29.04 29.93
N LEU F 143 -33.83 28.49 31.01
CA LEU F 143 -32.47 28.83 31.43
C LEU F 143 -31.53 27.67 31.20
N PRO F 144 -30.52 27.88 30.33
CA PRO F 144 -29.50 26.87 30.07
C PRO F 144 -28.96 26.29 31.38
N GLU F 145 -28.66 25.00 31.39
CA GLU F 145 -28.19 24.34 32.59
C GLU F 145 -27.00 25.06 33.22
N PHE F 146 -26.15 25.66 32.40
CA PHE F 146 -24.94 26.30 32.90
C PHE F 146 -25.24 27.62 33.60
N MET F 147 -26.38 28.23 33.25
CA MET F 147 -26.80 29.45 33.92
C MET F 147 -27.46 29.13 35.24
N MET F 148 -28.15 28.00 35.30
CA MET F 148 -28.72 27.51 36.53
C MET F 148 -27.60 27.26 37.54
N GLU F 149 -26.48 26.74 37.04
CA GLU F 149 -25.36 26.46 37.92
C GLU F 149 -24.83 27.78 38.50
N ILE F 150 -24.71 28.78 37.64
CA ILE F 150 -24.26 30.09 38.08
C ILE F 150 -25.22 30.64 39.14
N LEU F 151 -26.52 30.55 38.88
CA LEU F 151 -27.56 30.95 39.81
C LEU F 151 -27.42 30.24 41.16
N GLU F 152 -27.34 28.91 41.10
CA GLU F 152 -27.22 28.10 42.30
C GLU F 152 -25.95 28.46 43.09
N ALA F 153 -24.91 28.89 42.38
CA ALA F 153 -23.68 29.37 43.00
C ALA F 153 -23.88 30.74 43.68
N GLY F 154 -25.06 31.32 43.49
CA GLY F 154 -25.39 32.60 44.07
C GLY F 154 -25.16 33.76 43.12
N GLY F 155 -24.83 33.45 41.86
CA GLY F 155 -24.57 34.47 40.87
C GLY F 155 -23.16 34.38 40.30
N LEU F 156 -22.93 35.06 39.19
CA LEU F 156 -21.63 35.02 38.50
C LEU F 156 -20.48 35.49 39.38
N MET F 157 -20.72 36.54 40.16
CA MET F 157 -19.68 37.06 41.04
C MET F 157 -19.19 36.01 42.05
N PRO F 158 -20.10 35.45 42.85
CA PRO F 158 -19.67 34.42 43.81
C PRO F 158 -19.22 33.15 43.11
N TYR F 159 -19.77 32.90 41.94
CA TYR F 159 -19.40 31.75 41.12
C TYR F 159 -17.93 31.84 40.73
N LEU F 160 -17.51 33.02 40.27
CA LEU F 160 -16.12 33.27 39.94
C LEU F 160 -15.27 33.29 41.20
N LYS F 161 -15.72 34.02 42.22
CA LYS F 161 -15.02 34.08 43.51
C LYS F 161 -14.66 32.65 43.95
N LYS F 162 -15.62 31.76 43.84
CA LYS F 162 -15.43 30.34 44.07
C LYS F 162 -14.34 29.80 43.17
N LYS F 163 -14.42 30.12 41.88
CA LYS F 163 -13.45 29.70 40.89
C LYS F 163 -12.05 30.25 41.16
N MET F 164 -11.95 31.58 41.29
CA MET F 164 -10.68 32.27 41.47
C MET F 164 -9.78 31.61 42.53
N ALA F 165 -10.40 30.91 43.48
CA ALA F 165 -9.65 30.18 44.50
C ALA F 165 -10.33 28.85 44.84
#